data_2GUS
# 
_entry.id   2GUS 
# 
_audit_conform.dict_name       mmcif_pdbx.dic 
_audit_conform.dict_version    5.387 
_audit_conform.dict_location   http://mmcif.pdb.org/dictionaries/ascii/mmcif_pdbx.dic 
# 
loop_
_database_2.database_id 
_database_2.database_code 
_database_2.pdbx_database_accession 
_database_2.pdbx_DOI 
PDB   2GUS         pdb_00002gus 10.2210/pdb2gus/pdb 
RCSB  RCSB037574   ?            ?                   
WWPDB D_1000037574 ?            ?                   
# 
loop_
_pdbx_audit_revision_history.ordinal 
_pdbx_audit_revision_history.data_content_type 
_pdbx_audit_revision_history.major_revision 
_pdbx_audit_revision_history.minor_revision 
_pdbx_audit_revision_history.revision_date 
1 'Structure model' 1 0 2006-07-25 
2 'Structure model' 1 1 2008-05-01 
3 'Structure model' 1 2 2011-07-13 
4 'Structure model' 1 3 2021-10-20 
5 'Structure model' 1 4 2024-02-14 
# 
_pdbx_audit_revision_details.ordinal             1 
_pdbx_audit_revision_details.revision_ordinal    1 
_pdbx_audit_revision_details.data_content_type   'Structure model' 
_pdbx_audit_revision_details.provider            repository 
_pdbx_audit_revision_details.type                'Initial release' 
_pdbx_audit_revision_details.description         ? 
_pdbx_audit_revision_details.details             ? 
# 
loop_
_pdbx_audit_revision_group.ordinal 
_pdbx_audit_revision_group.revision_ordinal 
_pdbx_audit_revision_group.data_content_type 
_pdbx_audit_revision_group.group 
1 2 'Structure model' 'Version format compliance' 
2 3 'Structure model' Advisory                    
3 3 'Structure model' 'Derived calculations'      
4 3 'Structure model' 'Version format compliance' 
5 4 'Structure model' 'Database references'       
6 5 'Structure model' 'Data collection'           
# 
loop_
_pdbx_audit_revision_category.ordinal 
_pdbx_audit_revision_category.revision_ordinal 
_pdbx_audit_revision_category.data_content_type 
_pdbx_audit_revision_category.category 
1 4 'Structure model' database_2         
2 4 'Structure model' struct_ref_seq_dif 
3 5 'Structure model' chem_comp_atom     
4 5 'Structure model' chem_comp_bond     
# 
loop_
_pdbx_audit_revision_item.ordinal 
_pdbx_audit_revision_item.revision_ordinal 
_pdbx_audit_revision_item.data_content_type 
_pdbx_audit_revision_item.item 
1 4 'Structure model' '_database_2.pdbx_DOI'                
2 4 'Structure model' '_database_2.pdbx_database_accession' 
3 4 'Structure model' '_struct_ref_seq_dif.details'         
# 
_pdbx_database_status.status_code                     REL 
_pdbx_database_status.entry_id                        2GUS 
_pdbx_database_status.recvd_initial_deposition_date   2006-05-01 
_pdbx_database_status.deposit_site                    RCSB 
_pdbx_database_status.process_site                    RCSB 
_pdbx_database_status.status_code_sf                  REL 
_pdbx_database_status.status_code_mr                  ? 
_pdbx_database_status.SG_entry                        ? 
_pdbx_database_status.pdb_format_compatible           Y 
_pdbx_database_status.status_code_cs                  ? 
_pdbx_database_status.status_code_nmr_data            ? 
_pdbx_database_status.methods_development_category    ? 
# 
loop_
_pdbx_database_related.db_name 
_pdbx_database_related.db_id 
_pdbx_database_related.details 
_pdbx_database_related.content_type 
PDB 1EQ7 'Core structure of the outer membrane lipoprotein from Escherichia coli at 1.9 Angstrom resolution' unspecified 
PDB 2GUV 
'Conformational Transition between Four- and Five-stranded Phenylalanine Zippers Determined by a Local Packing Interaction' 
unspecified 
# 
loop_
_audit_author.name 
_audit_author.pdbx_ordinal 
'Liu, J.'          1 
'Zheng, Q.'        2 
'Deng, Y.'         3 
'Kallenbach, N.R.' 4 
'Lu, M.'           5 
# 
_citation.id                        primary 
_citation.title                     
'Conformational Transition between Four and Five-stranded Phenylalanine Zippers Determined by a Local Packing Interaction.' 
_citation.journal_abbrev            J.Mol.Biol. 
_citation.journal_volume            361 
_citation.page_first                168 
_citation.page_last                 179 
_citation.year                      2006 
_citation.journal_id_ASTM           JMOBAK 
_citation.country                   UK 
_citation.journal_id_ISSN           0022-2836 
_citation.journal_id_CSD            0070 
_citation.book_publisher            ? 
_citation.pdbx_database_id_PubMed   16828114 
_citation.pdbx_database_id_DOI      10.1016/j.jmb.2006.05.063 
# 
loop_
_citation_author.citation_id 
_citation_author.name 
_citation_author.ordinal 
_citation_author.identifier_ORCID 
primary 'Liu, J.'          1 ? 
primary 'Zheng, Q.'        2 ? 
primary 'Deng, Y.'         3 ? 
primary 'Kallenbach, N.R.' 4 ? 
primary 'Lu, M.'           5 ? 
# 
loop_
_entity.id 
_entity.type 
_entity.src_method 
_entity.pdbx_description 
_entity.formula_weight 
_entity.pdbx_number_of_molecules 
_entity.pdbx_ec 
_entity.pdbx_mutation 
_entity.pdbx_fragment 
_entity.details 
1 polymer man 'Major outer membrane lipoprotein' 6768.242 1  ? 
'I6F, L9F, V13F, L16F, V20F, L23F, V27M, M30F, V34F, A37F, A41F, A44F, L48F, M51F' ? ? 
2 water   nat water                              18.015   25 ? ? ? ? 
# 
_entity_name_com.entity_id   1 
_entity_name_com.name        Murein-lipoprotein 
# 
_entity_poly.entity_id                      1 
_entity_poly.type                           'polypeptide(L)' 
_entity_poly.nstd_linkage                   no 
_entity_poly.nstd_monomer                   no 
_entity_poly.pdbx_seq_one_letter_code       SSNAKFDQFSSDFQTFNAKFDQFSNDMNAFRSDFQAFKDDFARFNQRFDNFATKYR 
_entity_poly.pdbx_seq_one_letter_code_can   SSNAKFDQFSSDFQTFNAKFDQFSNDMNAFRSDFQAFKDDFARFNQRFDNFATKYR 
_entity_poly.pdbx_strand_id                 A 
_entity_poly.pdbx_target_identifier         ? 
# 
_pdbx_entity_nonpoly.entity_id   2 
_pdbx_entity_nonpoly.name        water 
_pdbx_entity_nonpoly.comp_id     HOH 
# 
loop_
_entity_poly_seq.entity_id 
_entity_poly_seq.num 
_entity_poly_seq.mon_id 
_entity_poly_seq.hetero 
1 1  SER n 
1 2  SER n 
1 3  ASN n 
1 4  ALA n 
1 5  LYS n 
1 6  PHE n 
1 7  ASP n 
1 8  GLN n 
1 9  PHE n 
1 10 SER n 
1 11 SER n 
1 12 ASP n 
1 13 PHE n 
1 14 GLN n 
1 15 THR n 
1 16 PHE n 
1 17 ASN n 
1 18 ALA n 
1 19 LYS n 
1 20 PHE n 
1 21 ASP n 
1 22 GLN n 
1 23 PHE n 
1 24 SER n 
1 25 ASN n 
1 26 ASP n 
1 27 MET n 
1 28 ASN n 
1 29 ALA n 
1 30 PHE n 
1 31 ARG n 
1 32 SER n 
1 33 ASP n 
1 34 PHE n 
1 35 GLN n 
1 36 ALA n 
1 37 PHE n 
1 38 LYS n 
1 39 ASP n 
1 40 ASP n 
1 41 PHE n 
1 42 ALA n 
1 43 ARG n 
1 44 PHE n 
1 45 ASN n 
1 46 GLN n 
1 47 ARG n 
1 48 PHE n 
1 49 ASP n 
1 50 ASN n 
1 51 PHE n 
1 52 ALA n 
1 53 THR n 
1 54 LYS n 
1 55 TYR n 
1 56 ARG n 
# 
_entity_src_gen.entity_id                          1 
_entity_src_gen.pdbx_src_id                        1 
_entity_src_gen.pdbx_alt_source_flag               sample 
_entity_src_gen.pdbx_seq_type                      ? 
_entity_src_gen.pdbx_beg_seq_num                   ? 
_entity_src_gen.pdbx_end_seq_num                   ? 
_entity_src_gen.gene_src_common_name               ? 
_entity_src_gen.gene_src_genus                     Escherichia 
_entity_src_gen.pdbx_gene_src_gene                 'lpp, mlpA, mulI' 
_entity_src_gen.gene_src_species                   ? 
_entity_src_gen.gene_src_strain                    ? 
_entity_src_gen.gene_src_tissue                    ? 
_entity_src_gen.gene_src_tissue_fraction           ? 
_entity_src_gen.gene_src_details                   ? 
_entity_src_gen.pdbx_gene_src_fragment             ? 
_entity_src_gen.pdbx_gene_src_scientific_name      'Escherichia coli' 
_entity_src_gen.pdbx_gene_src_ncbi_taxonomy_id     562 
_entity_src_gen.pdbx_gene_src_variant              ? 
_entity_src_gen.pdbx_gene_src_cell_line            ? 
_entity_src_gen.pdbx_gene_src_atcc                 ? 
_entity_src_gen.pdbx_gene_src_organ                ? 
_entity_src_gen.pdbx_gene_src_organelle            ? 
_entity_src_gen.pdbx_gene_src_cell                 ? 
_entity_src_gen.pdbx_gene_src_cellular_location    ? 
_entity_src_gen.host_org_common_name               ? 
_entity_src_gen.pdbx_host_org_scientific_name      'Escherichia coli' 
_entity_src_gen.pdbx_host_org_ncbi_taxonomy_id     562 
_entity_src_gen.host_org_genus                     Escherichia 
_entity_src_gen.pdbx_host_org_gene                 ? 
_entity_src_gen.pdbx_host_org_organ                ? 
_entity_src_gen.host_org_species                   ? 
_entity_src_gen.pdbx_host_org_tissue               ? 
_entity_src_gen.pdbx_host_org_tissue_fraction      ? 
_entity_src_gen.pdbx_host_org_strain               BL21/pLyss 
_entity_src_gen.pdbx_host_org_variant              ? 
_entity_src_gen.pdbx_host_org_cell_line            ? 
_entity_src_gen.pdbx_host_org_atcc                 ? 
_entity_src_gen.pdbx_host_org_culture_collection   ? 
_entity_src_gen.pdbx_host_org_cell                 ? 
_entity_src_gen.pdbx_host_org_organelle            ? 
_entity_src_gen.pdbx_host_org_cellular_location    ? 
_entity_src_gen.pdbx_host_org_vector_type          PLASMID 
_entity_src_gen.pdbx_host_org_vector               ? 
_entity_src_gen.host_org_details                   ? 
_entity_src_gen.expression_system_id               ? 
_entity_src_gen.plasmid_name                       pF14 
_entity_src_gen.plasmid_details                    ? 
_entity_src_gen.pdbx_description                   ? 
# 
loop_
_chem_comp.id 
_chem_comp.type 
_chem_comp.mon_nstd_flag 
_chem_comp.name 
_chem_comp.pdbx_synonyms 
_chem_comp.formula 
_chem_comp.formula_weight 
ALA 'L-peptide linking' y ALANINE         ? 'C3 H7 N O2'     89.093  
ARG 'L-peptide linking' y ARGININE        ? 'C6 H15 N4 O2 1' 175.209 
ASN 'L-peptide linking' y ASPARAGINE      ? 'C4 H8 N2 O3'    132.118 
ASP 'L-peptide linking' y 'ASPARTIC ACID' ? 'C4 H7 N O4'     133.103 
GLN 'L-peptide linking' y GLUTAMINE       ? 'C5 H10 N2 O3'   146.144 
HOH non-polymer         . WATER           ? 'H2 O'           18.015  
ILE 'L-peptide linking' y ISOLEUCINE      ? 'C6 H13 N O2'    131.173 
LEU 'L-peptide linking' y LEUCINE         ? 'C6 H13 N O2'    131.173 
LYS 'L-peptide linking' y LYSINE          ? 'C6 H15 N2 O2 1' 147.195 
MET 'L-peptide linking' y METHIONINE      ? 'C5 H11 N O2 S'  149.211 
PHE 'L-peptide linking' y PHENYLALANINE   ? 'C9 H11 N O2'    165.189 
SER 'L-peptide linking' y SERINE          ? 'C3 H7 N O3'     105.093 
THR 'L-peptide linking' y THREONINE       ? 'C4 H9 N O3'     119.119 
TYR 'L-peptide linking' y TYROSINE        ? 'C9 H11 N O3'    181.189 
VAL 'L-peptide linking' y VALINE          ? 'C5 H11 N O2'    117.146 
# 
loop_
_pdbx_poly_seq_scheme.asym_id 
_pdbx_poly_seq_scheme.entity_id 
_pdbx_poly_seq_scheme.seq_id 
_pdbx_poly_seq_scheme.mon_id 
_pdbx_poly_seq_scheme.ndb_seq_num 
_pdbx_poly_seq_scheme.pdb_seq_num 
_pdbx_poly_seq_scheme.auth_seq_num 
_pdbx_poly_seq_scheme.pdb_mon_id 
_pdbx_poly_seq_scheme.auth_mon_id 
_pdbx_poly_seq_scheme.pdb_strand_id 
_pdbx_poly_seq_scheme.pdb_ins_code 
_pdbx_poly_seq_scheme.hetero 
A 1 1  SER 1  1  ?  ?   ?   A . n 
A 1 2  SER 2  2  ?  ?   ?   A . n 
A 1 3  ASN 3  3  ?  ?   ?   A . n 
A 1 4  ALA 4  4  ?  ?   ?   A . n 
A 1 5  LYS 5  5  ?  ?   ?   A . n 
A 1 6  PHE 6  6  ?  ?   ?   A . n 
A 1 7  ASP 7  7  ?  ?   ?   A . n 
A 1 8  GLN 8  8  ?  ?   ?   A . n 
A 1 9  PHE 9  9  ?  ?   ?   A . n 
A 1 10 SER 10 10 ?  ?   ?   A . n 
A 1 11 SER 11 11 ?  ?   ?   A . n 
A 1 12 ASP 12 12 ?  ?   ?   A . n 
A 1 13 PHE 13 13 13 PHE PHE A . n 
A 1 14 GLN 14 14 14 GLN GLN A . n 
A 1 15 THR 15 15 15 THR THR A . n 
A 1 16 PHE 16 16 16 PHE PHE A . n 
A 1 17 ASN 17 17 17 ASN ASN A . n 
A 1 18 ALA 18 18 18 ALA ALA A . n 
A 1 19 LYS 19 19 19 LYS LYS A . n 
A 1 20 PHE 20 20 20 PHE PHE A . n 
A 1 21 ASP 21 21 21 ASP ASP A . n 
A 1 22 GLN 22 22 22 GLN GLN A . n 
A 1 23 PHE 23 23 23 PHE PHE A . n 
A 1 24 SER 24 24 24 SER SER A . n 
A 1 25 ASN 25 25 25 ASN ASN A . n 
A 1 26 ASP 26 26 26 ASP ASP A . n 
A 1 27 MET 27 27 27 MET MET A . n 
A 1 28 ASN 28 28 28 ASN ASN A . n 
A 1 29 ALA 29 29 29 ALA ALA A . n 
A 1 30 PHE 30 30 30 PHE PHE A . n 
A 1 31 ARG 31 31 31 ARG ARG A . n 
A 1 32 SER 32 32 32 SER SER A . n 
A 1 33 ASP 33 33 33 ASP ASP A . n 
A 1 34 PHE 34 34 34 PHE PHE A . n 
A 1 35 GLN 35 35 35 GLN GLN A . n 
A 1 36 ALA 36 36 36 ALA ALA A . n 
A 1 37 PHE 37 37 37 PHE PHE A . n 
A 1 38 LYS 38 38 38 LYS LYS A . n 
A 1 39 ASP 39 39 39 ASP ASP A . n 
A 1 40 ASP 40 40 40 ASP ASP A . n 
A 1 41 PHE 41 41 41 PHE PHE A . n 
A 1 42 ALA 42 42 42 ALA ALA A . n 
A 1 43 ARG 43 43 43 ARG ARG A . n 
A 1 44 PHE 44 44 44 PHE PHE A . n 
A 1 45 ASN 45 45 45 ASN ASN A . n 
A 1 46 GLN 46 46 46 GLN GLN A . n 
A 1 47 ARG 47 47 47 ARG ARG A . n 
A 1 48 PHE 48 48 48 PHE PHE A . n 
A 1 49 ASP 49 49 49 ASP ASP A . n 
A 1 50 ASN 50 50 50 ASN ASN A . n 
A 1 51 PHE 51 51 51 PHE PHE A . n 
A 1 52 ALA 52 52 52 ALA ALA A . n 
A 1 53 THR 53 53 53 THR THR A . n 
A 1 54 LYS 54 54 54 LYS LYS A . n 
A 1 55 TYR 55 55 ?  ?   ?   A . n 
A 1 56 ARG 56 56 ?  ?   ?   A . n 
# 
loop_
_pdbx_nonpoly_scheme.asym_id 
_pdbx_nonpoly_scheme.entity_id 
_pdbx_nonpoly_scheme.mon_id 
_pdbx_nonpoly_scheme.ndb_seq_num 
_pdbx_nonpoly_scheme.pdb_seq_num 
_pdbx_nonpoly_scheme.auth_seq_num 
_pdbx_nonpoly_scheme.pdb_mon_id 
_pdbx_nonpoly_scheme.auth_mon_id 
_pdbx_nonpoly_scheme.pdb_strand_id 
_pdbx_nonpoly_scheme.pdb_ins_code 
B 2 HOH 1  57 1  HOH WAT A . 
B 2 HOH 2  58 2  HOH WAT A . 
B 2 HOH 3  59 3  HOH WAT A . 
B 2 HOH 4  60 4  HOH WAT A . 
B 2 HOH 5  61 5  HOH WAT A . 
B 2 HOH 6  62 6  HOH WAT A . 
B 2 HOH 7  63 7  HOH WAT A . 
B 2 HOH 8  64 8  HOH WAT A . 
B 2 HOH 9  65 9  HOH WAT A . 
B 2 HOH 10 66 10 HOH WAT A . 
B 2 HOH 11 67 11 HOH WAT A . 
B 2 HOH 12 68 12 HOH WAT A . 
B 2 HOH 13 69 13 HOH WAT A . 
B 2 HOH 14 70 14 HOH WAT A . 
B 2 HOH 15 71 15 HOH WAT A . 
B 2 HOH 16 72 16 HOH WAT A . 
B 2 HOH 17 73 17 HOH WAT A . 
B 2 HOH 18 74 18 HOH WAT A . 
B 2 HOH 19 75 19 HOH WAT A . 
B 2 HOH 20 76 20 HOH WAT A . 
B 2 HOH 21 77 21 HOH WAT A . 
B 2 HOH 22 78 22 HOH WAT A . 
B 2 HOH 23 79 23 HOH WAT A . 
B 2 HOH 24 80 24 HOH WAT A . 
B 2 HOH 25 81 25 HOH WAT A . 
# 
loop_
_software.name 
_software.classification 
_software.version 
_software.citation_id 
_software.pdbx_ordinal 
REFMAC    refinement        5.2.0005 ? 1 
ADSC      'data collection' .        ? 2 
DENZO     'data reduction'  .        ? 3 
SCALEPACK 'data scaling'    .        ? 4 
SOLVE     phasing           .        ? 5 
# 
_cell.entry_id           2GUS 
_cell.length_a           37.002 
_cell.length_b           37.002 
_cell.length_c           80.949 
_cell.angle_alpha        90.00 
_cell.angle_beta         90.00 
_cell.angle_gamma        90.00 
_cell.Z_PDB              8 
_cell.pdbx_unique_axis   ? 
_cell.length_a_esd       ? 
_cell.length_b_esd       ? 
_cell.length_c_esd       ? 
_cell.angle_alpha_esd    ? 
_cell.angle_beta_esd     ? 
_cell.angle_gamma_esd    ? 
# 
_symmetry.entry_id                         2GUS 
_symmetry.space_group_name_H-M             'P 4 21 2' 
_symmetry.pdbx_full_space_group_name_H-M   ? 
_symmetry.cell_setting                     ? 
_symmetry.Int_Tables_number                90 
_symmetry.space_group_name_Hall            ? 
# 
_exptl.entry_id          2GUS 
_exptl.method            'X-RAY DIFFRACTION' 
_exptl.crystals_number   1 
# 
_exptl_crystal.id                    1 
_exptl_crystal.density_meas          ? 
_exptl_crystal.density_Matthews      2.05 
_exptl_crystal.density_percent_sol   39.91 
_exptl_crystal.description           ? 
_exptl_crystal.F_000                 ? 
_exptl_crystal.preparation           ? 
# 
_exptl_crystal_grow.crystal_id      1 
_exptl_crystal_grow.method          'VAPOR DIFFUSION, HANGING DROP' 
_exptl_crystal_grow.temp            298.0 
_exptl_crystal_grow.temp_details    ? 
_exptl_crystal_grow.pH              8.0 
_exptl_crystal_grow.pdbx_details    
'0.1M Tris-HCl, 10mM nickel chloride, 14% PEG MME2000, pH 8.0, VAPOR DIFFUSION, HANGING DROP, temperature 298.0K' 
_exptl_crystal_grow.pdbx_pH_range   . 
# 
_diffrn.id                     1 
_diffrn.ambient_temp           100 
_diffrn.ambient_temp_details   ? 
_diffrn.crystal_id             1 
# 
_diffrn_detector.diffrn_id              1 
_diffrn_detector.detector               CCD 
_diffrn_detector.type                   'ADSC QUANTUM 4' 
_diffrn_detector.pdbx_collection_date   2005-11-21 
_diffrn_detector.details                ? 
# 
_diffrn_radiation.diffrn_id                        1 
_diffrn_radiation.wavelength_id                    1 
_diffrn_radiation.pdbx_monochromatic_or_laue_m_l   M 
_diffrn_radiation.monochromator                    GRAPHITE 
_diffrn_radiation.pdbx_diffrn_protocol             MAD 
_diffrn_radiation.pdbx_scattering_type             x-ray 
# 
loop_
_diffrn_radiation_wavelength.id 
_diffrn_radiation_wavelength.wavelength 
_diffrn_radiation_wavelength.wt 
1 0.9793 1.0 
2 0.9796 1.0 
3 0.9681 1.0 
# 
_diffrn_source.diffrn_id                   1 
_diffrn_source.source                      SYNCHROTRON 
_diffrn_source.type                        'NSLS BEAMLINE X4A' 
_diffrn_source.pdbx_synchrotron_site       NSLS 
_diffrn_source.pdbx_synchrotron_beamline   X4A 
_diffrn_source.pdbx_wavelength             ? 
_diffrn_source.pdbx_wavelength_list        '0.9793, 0.9796, 0.9681' 
# 
_reflns.entry_id                     2GUS 
_reflns.observed_criterion_sigma_I   0.0 
_reflns.observed_criterion_sigma_F   0.0 
_reflns.d_resolution_low             80.85 
_reflns.d_resolution_high            1.75 
_reflns.number_obs                   6157 
_reflns.number_all                   6157 
_reflns.percent_possible_obs         99.1 
_reflns.pdbx_Rmerge_I_obs            0.05 
_reflns.pdbx_Rsym_value              0.05 
_reflns.pdbx_netI_over_sigmaI        17.0 
_reflns.B_iso_Wilson_estimate        27.5 
_reflns.pdbx_redundancy              7.9 
_reflns.R_free_details               ? 
_reflns.limit_h_max                  ? 
_reflns.limit_h_min                  ? 
_reflns.limit_k_max                  ? 
_reflns.limit_k_min                  ? 
_reflns.limit_l_max                  ? 
_reflns.limit_l_min                  ? 
_reflns.observed_criterion_F_max     ? 
_reflns.observed_criterion_F_min     ? 
_reflns.pdbx_chi_squared             ? 
_reflns.pdbx_scaling_rejects         ? 
_reflns.pdbx_ordinal                 1 
_reflns.pdbx_diffrn_id               1 
# 
_reflns_shell.d_res_high             1.75 
_reflns_shell.d_res_low              1.81 
_reflns_shell.percent_possible_all   98.3 
_reflns_shell.Rmerge_I_obs           0.404 
_reflns_shell.pdbx_Rsym_value        0.404 
_reflns_shell.meanI_over_sigI_obs    4.4 
_reflns_shell.pdbx_redundancy        7.2 
_reflns_shell.percent_possible_obs   ? 
_reflns_shell.number_unique_all      578 
_reflns_shell.number_measured_all    ? 
_reflns_shell.number_measured_obs    ? 
_reflns_shell.number_unique_obs      ? 
_reflns_shell.pdbx_chi_squared       ? 
_reflns_shell.pdbx_ordinal           1 
_reflns_shell.pdbx_diffrn_id         1 
# 
_refine.entry_id                                 2GUS 
_refine.ls_number_reflns_obs                     5557 
_refine.ls_number_reflns_all                     6157 
_refine.pdbx_ls_sigma_I                          ? 
_refine.pdbx_ls_sigma_F                          0.0 
_refine.pdbx_data_cutoff_high_absF               ? 
_refine.pdbx_data_cutoff_low_absF                ? 
_refine.pdbx_data_cutoff_high_rms_absF           ? 
_refine.ls_d_res_low                             80.85 
_refine.ls_d_res_high                            1.75 
_refine.ls_percent_reflns_obs                    99.08 
_refine.ls_R_factor_obs                          0.24303 
_refine.ls_R_factor_all                          0.243 
_refine.ls_R_factor_R_work                       0.23795 
_refine.ls_R_factor_R_free                       0.28702 
_refine.ls_R_factor_R_free_error                 ? 
_refine.ls_R_factor_R_free_error_details         ? 
_refine.ls_percent_reflns_R_free                 9.7 
_refine.ls_number_reflns_R_free                  600 
_refine.ls_number_parameters                     ? 
_refine.ls_number_restraints                     ? 
_refine.occupancy_min                            ? 
_refine.occupancy_max                            ? 
_refine.correlation_coeff_Fo_to_Fc               0.923 
_refine.correlation_coeff_Fo_to_Fc_free          0.894 
_refine.B_iso_mean                               38.101 
_refine.aniso_B[1][1]                            0.61 
_refine.aniso_B[2][2]                            0.61 
_refine.aniso_B[3][3]                            -1.21 
_refine.aniso_B[1][2]                            0.00 
_refine.aniso_B[1][3]                            0.00 
_refine.aniso_B[2][3]                            0.00 
_refine.solvent_model_details                    'BABINET MODEL WITH MASK' 
_refine.solvent_model_param_ksol                 ? 
_refine.solvent_model_param_bsol                 ? 
_refine.pdbx_solvent_vdw_probe_radii             1.20 
_refine.pdbx_solvent_ion_probe_radii             0.80 
_refine.pdbx_solvent_shrinkage_radii             0.80 
_refine.pdbx_ls_cross_valid_method               THROUGHOUT 
_refine.details                                  ? 
_refine.pdbx_starting_model                      ? 
_refine.pdbx_method_to_determine_struct          MAD 
_refine.pdbx_isotropic_thermal_model             ? 
_refine.pdbx_stereochemistry_target_values       'MAXIMUM LIKELIHOOD' 
_refine.pdbx_stereochem_target_val_spec_case     ? 
_refine.pdbx_R_Free_selection_details            RANDOM 
_refine.pdbx_overall_ESU_R                       0.134 
_refine.pdbx_overall_ESU_R_Free                  0.138 
_refine.overall_SU_ML                            0.066 
_refine.overall_SU_B                             4.129 
_refine.ls_redundancy_reflns_obs                 ? 
_refine.B_iso_min                                ? 
_refine.B_iso_max                                ? 
_refine.overall_SU_R_Cruickshank_DPI             ? 
_refine.overall_SU_R_free                        ? 
_refine.ls_wR_factor_R_free                      ? 
_refine.ls_wR_factor_R_work                      ? 
_refine.overall_FOM_free_R_set                   ? 
_refine.overall_FOM_work_R_set                   ? 
_refine.pdbx_refine_id                           'X-RAY DIFFRACTION' 
_refine.pdbx_TLS_residual_ADP_flag               'LIKELY RESIDUAL' 
_refine.pdbx_diffrn_id                           1 
_refine.pdbx_overall_phase_error                 ? 
_refine.pdbx_overall_SU_R_free_Cruickshank_DPI   ? 
_refine.pdbx_overall_SU_R_Blow_DPI               ? 
_refine.pdbx_overall_SU_R_free_Blow_DPI          ? 
# 
_refine_hist.pdbx_refine_id                   'X-RAY DIFFRACTION' 
_refine_hist.cycle_id                         LAST 
_refine_hist.pdbx_number_atoms_protein        364 
_refine_hist.pdbx_number_atoms_nucleic_acid   0 
_refine_hist.pdbx_number_atoms_ligand         0 
_refine_hist.number_atoms_solvent             25 
_refine_hist.number_atoms_total               389 
_refine_hist.d_res_high                       1.75 
_refine_hist.d_res_low                        80.85 
# 
loop_
_refine_ls_restr.type 
_refine_ls_restr.dev_ideal 
_refine_ls_restr.dev_ideal_target 
_refine_ls_restr.weight 
_refine_ls_restr.number 
_refine_ls_restr.pdbx_refine_id 
_refine_ls_restr.pdbx_restraint_function 
r_bond_refined_d         0.020  0.022  ? 374 'X-RAY DIFFRACTION' ? 
r_angle_refined_deg      1.421  1.849  ? 498 'X-RAY DIFFRACTION' ? 
r_dihedral_angle_1_deg   4.434  5.000  ? 41  'X-RAY DIFFRACTION' ? 
r_dihedral_angle_2_deg   31.607 24.138 ? 29  'X-RAY DIFFRACTION' ? 
r_dihedral_angle_3_deg   12.790 15.000 ? 58  'X-RAY DIFFRACTION' ? 
r_dihedral_angle_4_deg   7.993  15.000 ? 3   'X-RAY DIFFRACTION' ? 
r_chiral_restr           0.104  0.200  ? 44  'X-RAY DIFFRACTION' ? 
r_gen_planes_refined     0.014  0.020  ? 316 'X-RAY DIFFRACTION' ? 
r_nbd_refined            0.205  0.200  ? 152 'X-RAY DIFFRACTION' ? 
r_nbtor_refined          0.319  0.200  ? 274 'X-RAY DIFFRACTION' ? 
r_xyhbond_nbd_refined    0.170  0.200  ? 18  'X-RAY DIFFRACTION' ? 
r_symmetry_vdw_refined   0.330  0.200  ? 34  'X-RAY DIFFRACTION' ? 
r_symmetry_hbond_refined 0.298  0.200  ? 8   'X-RAY DIFFRACTION' ? 
r_mcbond_it              1.105  1.500  ? 214 'X-RAY DIFFRACTION' ? 
r_mcangle_it             1.701  2.000  ? 330 'X-RAY DIFFRACTION' ? 
r_scbond_it              2.974  3.000  ? 176 'X-RAY DIFFRACTION' ? 
r_scangle_it             4.181  4.500  ? 168 'X-RAY DIFFRACTION' ? 
# 
_refine_ls_shell.pdbx_total_number_of_bins_used   20 
_refine_ls_shell.d_res_high                       1.745 
_refine_ls_shell.d_res_low                        1.791 
_refine_ls_shell.number_reflns_R_work             376 
_refine_ls_shell.R_factor_R_work                  0.187 
_refine_ls_shell.percent_reflns_obs               97.2 
_refine_ls_shell.R_factor_R_free                  0.25 
_refine_ls_shell.R_factor_R_free_error            ? 
_refine_ls_shell.percent_reflns_R_free            ? 
_refine_ls_shell.number_reflns_R_free             35 
_refine_ls_shell.number_reflns_all                ? 
_refine_ls_shell.R_factor_all                     ? 
_refine_ls_shell.number_reflns_obs                411 
_refine_ls_shell.redundancy_reflns_obs            ? 
_refine_ls_shell.pdbx_refine_id                   'X-RAY DIFFRACTION' 
# 
_struct.entry_id                  2GUS 
_struct.title                     
'Conformational Transition between Four- and Five-stranded Phenylalanine Zippers Determined by a Local Packing Interaction' 
_struct.pdbx_model_details        ? 
_struct.pdbx_CASP_flag            ? 
_struct.pdbx_model_type_details   ? 
# 
_struct_keywords.entry_id        2GUS 
_struct_keywords.pdbx_keywords   'UNKNOWN FUNCTION' 
_struct_keywords.text            'Lipoprotein, protein folding, tetramer, phenylalanine-ZIPPER, UNKNOWN FUNCTION' 
# 
loop_
_struct_asym.id 
_struct_asym.pdbx_blank_PDB_chainid_flag 
_struct_asym.pdbx_modified 
_struct_asym.entity_id 
_struct_asym.details 
A N N 1 ? 
B N N 2 ? 
# 
_struct_ref.id                         1 
_struct_ref.db_name                    UNP 
_struct_ref.db_code                    LPP_ECOLI 
_struct_ref.pdbx_db_accession          P69776 
_struct_ref.entity_id                  1 
_struct_ref.pdbx_seq_one_letter_code   SSNAKIDQLSSDVQTLNAKVDQLSNDVNAMRSDVQAAKDDAARANQRLDNMATKYR 
_struct_ref.pdbx_align_begin           22 
_struct_ref.pdbx_db_isoform            ? 
# 
_struct_ref_seq.align_id                      1 
_struct_ref_seq.ref_id                        1 
_struct_ref_seq.pdbx_PDB_id_code              2GUS 
_struct_ref_seq.pdbx_strand_id                A 
_struct_ref_seq.seq_align_beg                 1 
_struct_ref_seq.pdbx_seq_align_beg_ins_code   ? 
_struct_ref_seq.seq_align_end                 56 
_struct_ref_seq.pdbx_seq_align_end_ins_code   ? 
_struct_ref_seq.pdbx_db_accession             P69776 
_struct_ref_seq.db_align_beg                  22 
_struct_ref_seq.pdbx_db_align_beg_ins_code    ? 
_struct_ref_seq.db_align_end                  77 
_struct_ref_seq.pdbx_db_align_end_ins_code    ? 
_struct_ref_seq.pdbx_auth_seq_align_beg       1 
_struct_ref_seq.pdbx_auth_seq_align_end       56 
# 
loop_
_struct_ref_seq_dif.align_id 
_struct_ref_seq_dif.pdbx_pdb_id_code 
_struct_ref_seq_dif.mon_id 
_struct_ref_seq_dif.pdbx_pdb_strand_id 
_struct_ref_seq_dif.seq_num 
_struct_ref_seq_dif.pdbx_pdb_ins_code 
_struct_ref_seq_dif.pdbx_seq_db_name 
_struct_ref_seq_dif.pdbx_seq_db_accession_code 
_struct_ref_seq_dif.db_mon_id 
_struct_ref_seq_dif.pdbx_seq_db_seq_num 
_struct_ref_seq_dif.details 
_struct_ref_seq_dif.pdbx_auth_seq_num 
_struct_ref_seq_dif.pdbx_ordinal 
1 2GUS PHE A 6  ? UNP P69776 ILE 27 'engineered mutation' 6  1  
1 2GUS PHE A 9  ? UNP P69776 LEU 30 'engineered mutation' 9  2  
1 2GUS PHE A 13 ? UNP P69776 VAL 34 'engineered mutation' 13 3  
1 2GUS PHE A 16 ? UNP P69776 LEU 37 'engineered mutation' 16 4  
1 2GUS PHE A 20 ? UNP P69776 VAL 41 'engineered mutation' 20 5  
1 2GUS PHE A 23 ? UNP P69776 LEU 44 'engineered mutation' 23 6  
1 2GUS MET A 27 ? UNP P69776 VAL 48 'engineered mutation' 27 7  
1 2GUS PHE A 30 ? UNP P69776 MET 51 'engineered mutation' 30 8  
1 2GUS PHE A 34 ? UNP P69776 VAL 55 'engineered mutation' 34 9  
1 2GUS PHE A 37 ? UNP P69776 ALA 58 'engineered mutation' 37 10 
1 2GUS PHE A 41 ? UNP P69776 ALA 62 'engineered mutation' 41 11 
1 2GUS PHE A 44 ? UNP P69776 ALA 65 'engineered mutation' 44 12 
1 2GUS PHE A 48 ? UNP P69776 LEU 69 'engineered mutation' 48 13 
1 2GUS PHE A 51 ? UNP P69776 MET 72 'engineered mutation' 51 14 
# 
_pdbx_struct_assembly.id                   1 
_pdbx_struct_assembly.details              author_and_software_defined_assembly 
_pdbx_struct_assembly.method_details       PISA,PQS 
_pdbx_struct_assembly.oligomeric_details   tetrameric 
_pdbx_struct_assembly.oligomeric_count     4 
# 
loop_
_pdbx_struct_assembly_prop.biol_id 
_pdbx_struct_assembly_prop.type 
_pdbx_struct_assembly_prop.value 
_pdbx_struct_assembly_prop.details 
1 'ABSA (A^2)' 7490 ? 
1 MORE         -58  ? 
1 'SSA (A^2)'  9170 ? 
# 
_pdbx_struct_assembly_gen.assembly_id       1 
_pdbx_struct_assembly_gen.oper_expression   1,2,3,4 
_pdbx_struct_assembly_gen.asym_id_list      A,B 
# 
loop_
_pdbx_struct_oper_list.id 
_pdbx_struct_oper_list.type 
_pdbx_struct_oper_list.name 
_pdbx_struct_oper_list.symmetry_operation 
_pdbx_struct_oper_list.matrix[1][1] 
_pdbx_struct_oper_list.matrix[1][2] 
_pdbx_struct_oper_list.matrix[1][3] 
_pdbx_struct_oper_list.vector[1] 
_pdbx_struct_oper_list.matrix[2][1] 
_pdbx_struct_oper_list.matrix[2][2] 
_pdbx_struct_oper_list.matrix[2][3] 
_pdbx_struct_oper_list.vector[2] 
_pdbx_struct_oper_list.matrix[3][1] 
_pdbx_struct_oper_list.matrix[3][2] 
_pdbx_struct_oper_list.matrix[3][3] 
_pdbx_struct_oper_list.vector[3] 
1 'identity operation'         1_555 x,y,z          1.0000000000  0.0000000000  0.0000000000 0.0000000000  0.0000000000  1.0000000000  0.0000000000  0.0000000000  0.0000000000 0.0000000000  1.0000000000 0.0000000000  
2 'crystal symmetry operation' 2_565 -x,-y+1,z      -0.2754178873 0.3512514591  0.8948560777 5.6899170428  0.3512514591  -0.8297258719 0.4337941794  8.9990594169  0.8948560777 0.4337941794  0.1051437592 -8.1395713160 
3 'crystal symmetry operation' 3_555 -y+1/2,x+1/2,z 0.3622910563  -0.5677260577 0.7392106019 7.3771844620  0.9189775168  0.0851370641  -0.3850090960 -0.0649044549 0.1556454759 0.8188032753  0.5525718796 -5.9479711331 
4 'crystal symmetry operation' 4_455 y-1/2,-x+1/2,z 0.3622910563  0.9189775168  0.1556454759 -1.6872674192 -0.5677260577 0.0851370641  0.8188032753  9.0639638718  0.7392106019 -0.3850090960 0.5525718796 -2.1916001829 
# 
_struct_biol.id                    1 
_struct_biol.details               'The biological assembly is a tetramer.' 
_struct_biol.pdbx_parent_biol_id   ? 
# 
_struct_conf.conf_type_id            HELX_P 
_struct_conf.id                      HELX_P1 
_struct_conf.pdbx_PDB_helix_id       1 
_struct_conf.beg_label_comp_id       PHE 
_struct_conf.beg_label_asym_id       A 
_struct_conf.beg_label_seq_id        13 
_struct_conf.pdbx_beg_PDB_ins_code   ? 
_struct_conf.end_label_comp_id       LYS 
_struct_conf.end_label_asym_id       A 
_struct_conf.end_label_seq_id        54 
_struct_conf.pdbx_end_PDB_ins_code   ? 
_struct_conf.beg_auth_comp_id        PHE 
_struct_conf.beg_auth_asym_id        A 
_struct_conf.beg_auth_seq_id         13 
_struct_conf.end_auth_comp_id        LYS 
_struct_conf.end_auth_asym_id        A 
_struct_conf.end_auth_seq_id         54 
_struct_conf.pdbx_PDB_helix_class    1 
_struct_conf.details                 ? 
_struct_conf.pdbx_PDB_helix_length   42 
# 
_struct_conf_type.id          HELX_P 
_struct_conf_type.criteria    ? 
_struct_conf_type.reference   ? 
# 
_pdbx_struct_special_symmetry.id              1 
_pdbx_struct_special_symmetry.PDB_model_num   1 
_pdbx_struct_special_symmetry.auth_asym_id    A 
_pdbx_struct_special_symmetry.auth_comp_id    HOH 
_pdbx_struct_special_symmetry.auth_seq_id     57 
_pdbx_struct_special_symmetry.PDB_ins_code    ? 
_pdbx_struct_special_symmetry.label_asym_id   B 
_pdbx_struct_special_symmetry.label_comp_id   HOH 
_pdbx_struct_special_symmetry.label_seq_id    . 
# 
_pdbx_refine_tls.id               1 
_pdbx_refine_tls.details          ? 
_pdbx_refine_tls.method           refined 
_pdbx_refine_tls.origin_x         0.3148 
_pdbx_refine_tls.origin_y         0.0914 
_pdbx_refine_tls.origin_z         -0.3640 
_pdbx_refine_tls.T[1][1]          -0.1725 
_pdbx_refine_tls.T[2][2]          -0.1954 
_pdbx_refine_tls.T[3][3]          -0.1979 
_pdbx_refine_tls.T[1][2]          -0.0054 
_pdbx_refine_tls.T[1][3]          0.0250 
_pdbx_refine_tls.T[2][3]          0.0204 
_pdbx_refine_tls.L[1][1]          4.6003 
_pdbx_refine_tls.L[2][2]          5.0722 
_pdbx_refine_tls.L[3][3]          8.0173 
_pdbx_refine_tls.L[1][2]          2.1685 
_pdbx_refine_tls.L[1][3]          3.5205 
_pdbx_refine_tls.L[2][3]          3.2860 
_pdbx_refine_tls.S[1][1]          0.0976 
_pdbx_refine_tls.S[1][2]          -0.2321 
_pdbx_refine_tls.S[1][3]          -0.0579 
_pdbx_refine_tls.S[2][1]          0.3845 
_pdbx_refine_tls.S[2][2]          0.0433 
_pdbx_refine_tls.S[2][3]          -0.2438 
_pdbx_refine_tls.S[3][1]          0.1492 
_pdbx_refine_tls.S[3][2]          0.1869 
_pdbx_refine_tls.S[3][3]          -0.1409 
_pdbx_refine_tls.pdbx_refine_id   'X-RAY DIFFRACTION' 
# 
_pdbx_refine_tls_group.id                  1 
_pdbx_refine_tls_group.refine_tls_id       1 
_pdbx_refine_tls_group.beg_auth_asym_id    A 
_pdbx_refine_tls_group.beg_auth_seq_id     13 
_pdbx_refine_tls_group.beg_label_asym_id   A 
_pdbx_refine_tls_group.beg_label_seq_id    13 
_pdbx_refine_tls_group.end_auth_asym_id    A 
_pdbx_refine_tls_group.end_auth_seq_id     54 
_pdbx_refine_tls_group.end_label_asym_id   A 
_pdbx_refine_tls_group.end_label_seq_id    54 
_pdbx_refine_tls_group.selection           ? 
_pdbx_refine_tls_group.pdbx_refine_id      'X-RAY DIFFRACTION' 
_pdbx_refine_tls_group.selection_details   ? 
# 
loop_
_pdbx_unobs_or_zero_occ_residues.id 
_pdbx_unobs_or_zero_occ_residues.PDB_model_num 
_pdbx_unobs_or_zero_occ_residues.polymer_flag 
_pdbx_unobs_or_zero_occ_residues.occupancy_flag 
_pdbx_unobs_or_zero_occ_residues.auth_asym_id 
_pdbx_unobs_or_zero_occ_residues.auth_comp_id 
_pdbx_unobs_or_zero_occ_residues.auth_seq_id 
_pdbx_unobs_or_zero_occ_residues.PDB_ins_code 
_pdbx_unobs_or_zero_occ_residues.label_asym_id 
_pdbx_unobs_or_zero_occ_residues.label_comp_id 
_pdbx_unobs_or_zero_occ_residues.label_seq_id 
1  1 Y 1 A SER 1  ? A SER 1  
2  1 Y 1 A SER 2  ? A SER 2  
3  1 Y 1 A ASN 3  ? A ASN 3  
4  1 Y 1 A ALA 4  ? A ALA 4  
5  1 Y 1 A LYS 5  ? A LYS 5  
6  1 Y 1 A PHE 6  ? A PHE 6  
7  1 Y 1 A ASP 7  ? A ASP 7  
8  1 Y 1 A GLN 8  ? A GLN 8  
9  1 Y 1 A PHE 9  ? A PHE 9  
10 1 Y 1 A SER 10 ? A SER 10 
11 1 Y 1 A SER 11 ? A SER 11 
12 1 Y 1 A ASP 12 ? A ASP 12 
13 1 Y 1 A TYR 55 ? A TYR 55 
14 1 Y 1 A ARG 56 ? A ARG 56 
# 
loop_
_chem_comp_atom.comp_id 
_chem_comp_atom.atom_id 
_chem_comp_atom.type_symbol 
_chem_comp_atom.pdbx_aromatic_flag 
_chem_comp_atom.pdbx_stereo_config 
_chem_comp_atom.pdbx_ordinal 
ALA N    N N N 1   
ALA CA   C N S 2   
ALA C    C N N 3   
ALA O    O N N 4   
ALA CB   C N N 5   
ALA OXT  O N N 6   
ALA H    H N N 7   
ALA H2   H N N 8   
ALA HA   H N N 9   
ALA HB1  H N N 10  
ALA HB2  H N N 11  
ALA HB3  H N N 12  
ALA HXT  H N N 13  
ARG N    N N N 14  
ARG CA   C N S 15  
ARG C    C N N 16  
ARG O    O N N 17  
ARG CB   C N N 18  
ARG CG   C N N 19  
ARG CD   C N N 20  
ARG NE   N N N 21  
ARG CZ   C N N 22  
ARG NH1  N N N 23  
ARG NH2  N N N 24  
ARG OXT  O N N 25  
ARG H    H N N 26  
ARG H2   H N N 27  
ARG HA   H N N 28  
ARG HB2  H N N 29  
ARG HB3  H N N 30  
ARG HG2  H N N 31  
ARG HG3  H N N 32  
ARG HD2  H N N 33  
ARG HD3  H N N 34  
ARG HE   H N N 35  
ARG HH11 H N N 36  
ARG HH12 H N N 37  
ARG HH21 H N N 38  
ARG HH22 H N N 39  
ARG HXT  H N N 40  
ASN N    N N N 41  
ASN CA   C N S 42  
ASN C    C N N 43  
ASN O    O N N 44  
ASN CB   C N N 45  
ASN CG   C N N 46  
ASN OD1  O N N 47  
ASN ND2  N N N 48  
ASN OXT  O N N 49  
ASN H    H N N 50  
ASN H2   H N N 51  
ASN HA   H N N 52  
ASN HB2  H N N 53  
ASN HB3  H N N 54  
ASN HD21 H N N 55  
ASN HD22 H N N 56  
ASN HXT  H N N 57  
ASP N    N N N 58  
ASP CA   C N S 59  
ASP C    C N N 60  
ASP O    O N N 61  
ASP CB   C N N 62  
ASP CG   C N N 63  
ASP OD1  O N N 64  
ASP OD2  O N N 65  
ASP OXT  O N N 66  
ASP H    H N N 67  
ASP H2   H N N 68  
ASP HA   H N N 69  
ASP HB2  H N N 70  
ASP HB3  H N N 71  
ASP HD2  H N N 72  
ASP HXT  H N N 73  
GLN N    N N N 74  
GLN CA   C N S 75  
GLN C    C N N 76  
GLN O    O N N 77  
GLN CB   C N N 78  
GLN CG   C N N 79  
GLN CD   C N N 80  
GLN OE1  O N N 81  
GLN NE2  N N N 82  
GLN OXT  O N N 83  
GLN H    H N N 84  
GLN H2   H N N 85  
GLN HA   H N N 86  
GLN HB2  H N N 87  
GLN HB3  H N N 88  
GLN HG2  H N N 89  
GLN HG3  H N N 90  
GLN HE21 H N N 91  
GLN HE22 H N N 92  
GLN HXT  H N N 93  
HOH O    O N N 94  
HOH H1   H N N 95  
HOH H2   H N N 96  
ILE N    N N N 97  
ILE CA   C N S 98  
ILE C    C N N 99  
ILE O    O N N 100 
ILE CB   C N S 101 
ILE CG1  C N N 102 
ILE CG2  C N N 103 
ILE CD1  C N N 104 
ILE OXT  O N N 105 
ILE H    H N N 106 
ILE H2   H N N 107 
ILE HA   H N N 108 
ILE HB   H N N 109 
ILE HG12 H N N 110 
ILE HG13 H N N 111 
ILE HG21 H N N 112 
ILE HG22 H N N 113 
ILE HG23 H N N 114 
ILE HD11 H N N 115 
ILE HD12 H N N 116 
ILE HD13 H N N 117 
ILE HXT  H N N 118 
LEU N    N N N 119 
LEU CA   C N S 120 
LEU C    C N N 121 
LEU O    O N N 122 
LEU CB   C N N 123 
LEU CG   C N N 124 
LEU CD1  C N N 125 
LEU CD2  C N N 126 
LEU OXT  O N N 127 
LEU H    H N N 128 
LEU H2   H N N 129 
LEU HA   H N N 130 
LEU HB2  H N N 131 
LEU HB3  H N N 132 
LEU HG   H N N 133 
LEU HD11 H N N 134 
LEU HD12 H N N 135 
LEU HD13 H N N 136 
LEU HD21 H N N 137 
LEU HD22 H N N 138 
LEU HD23 H N N 139 
LEU HXT  H N N 140 
LYS N    N N N 141 
LYS CA   C N S 142 
LYS C    C N N 143 
LYS O    O N N 144 
LYS CB   C N N 145 
LYS CG   C N N 146 
LYS CD   C N N 147 
LYS CE   C N N 148 
LYS NZ   N N N 149 
LYS OXT  O N N 150 
LYS H    H N N 151 
LYS H2   H N N 152 
LYS HA   H N N 153 
LYS HB2  H N N 154 
LYS HB3  H N N 155 
LYS HG2  H N N 156 
LYS HG3  H N N 157 
LYS HD2  H N N 158 
LYS HD3  H N N 159 
LYS HE2  H N N 160 
LYS HE3  H N N 161 
LYS HZ1  H N N 162 
LYS HZ2  H N N 163 
LYS HZ3  H N N 164 
LYS HXT  H N N 165 
MET N    N N N 166 
MET CA   C N S 167 
MET C    C N N 168 
MET O    O N N 169 
MET CB   C N N 170 
MET CG   C N N 171 
MET SD   S N N 172 
MET CE   C N N 173 
MET OXT  O N N 174 
MET H    H N N 175 
MET H2   H N N 176 
MET HA   H N N 177 
MET HB2  H N N 178 
MET HB3  H N N 179 
MET HG2  H N N 180 
MET HG3  H N N 181 
MET HE1  H N N 182 
MET HE2  H N N 183 
MET HE3  H N N 184 
MET HXT  H N N 185 
PHE N    N N N 186 
PHE CA   C N S 187 
PHE C    C N N 188 
PHE O    O N N 189 
PHE CB   C N N 190 
PHE CG   C Y N 191 
PHE CD1  C Y N 192 
PHE CD2  C Y N 193 
PHE CE1  C Y N 194 
PHE CE2  C Y N 195 
PHE CZ   C Y N 196 
PHE OXT  O N N 197 
PHE H    H N N 198 
PHE H2   H N N 199 
PHE HA   H N N 200 
PHE HB2  H N N 201 
PHE HB3  H N N 202 
PHE HD1  H N N 203 
PHE HD2  H N N 204 
PHE HE1  H N N 205 
PHE HE2  H N N 206 
PHE HZ   H N N 207 
PHE HXT  H N N 208 
SER N    N N N 209 
SER CA   C N S 210 
SER C    C N N 211 
SER O    O N N 212 
SER CB   C N N 213 
SER OG   O N N 214 
SER OXT  O N N 215 
SER H    H N N 216 
SER H2   H N N 217 
SER HA   H N N 218 
SER HB2  H N N 219 
SER HB3  H N N 220 
SER HG   H N N 221 
SER HXT  H N N 222 
THR N    N N N 223 
THR CA   C N S 224 
THR C    C N N 225 
THR O    O N N 226 
THR CB   C N R 227 
THR OG1  O N N 228 
THR CG2  C N N 229 
THR OXT  O N N 230 
THR H    H N N 231 
THR H2   H N N 232 
THR HA   H N N 233 
THR HB   H N N 234 
THR HG1  H N N 235 
THR HG21 H N N 236 
THR HG22 H N N 237 
THR HG23 H N N 238 
THR HXT  H N N 239 
TYR N    N N N 240 
TYR CA   C N S 241 
TYR C    C N N 242 
TYR O    O N N 243 
TYR CB   C N N 244 
TYR CG   C Y N 245 
TYR CD1  C Y N 246 
TYR CD2  C Y N 247 
TYR CE1  C Y N 248 
TYR CE2  C Y N 249 
TYR CZ   C Y N 250 
TYR OH   O N N 251 
TYR OXT  O N N 252 
TYR H    H N N 253 
TYR H2   H N N 254 
TYR HA   H N N 255 
TYR HB2  H N N 256 
TYR HB3  H N N 257 
TYR HD1  H N N 258 
TYR HD2  H N N 259 
TYR HE1  H N N 260 
TYR HE2  H N N 261 
TYR HH   H N N 262 
TYR HXT  H N N 263 
VAL N    N N N 264 
VAL CA   C N S 265 
VAL C    C N N 266 
VAL O    O N N 267 
VAL CB   C N N 268 
VAL CG1  C N N 269 
VAL CG2  C N N 270 
VAL OXT  O N N 271 
VAL H    H N N 272 
VAL H2   H N N 273 
VAL HA   H N N 274 
VAL HB   H N N 275 
VAL HG11 H N N 276 
VAL HG12 H N N 277 
VAL HG13 H N N 278 
VAL HG21 H N N 279 
VAL HG22 H N N 280 
VAL HG23 H N N 281 
VAL HXT  H N N 282 
# 
loop_
_chem_comp_bond.comp_id 
_chem_comp_bond.atom_id_1 
_chem_comp_bond.atom_id_2 
_chem_comp_bond.value_order 
_chem_comp_bond.pdbx_aromatic_flag 
_chem_comp_bond.pdbx_stereo_config 
_chem_comp_bond.pdbx_ordinal 
ALA N   CA   sing N N 1   
ALA N   H    sing N N 2   
ALA N   H2   sing N N 3   
ALA CA  C    sing N N 4   
ALA CA  CB   sing N N 5   
ALA CA  HA   sing N N 6   
ALA C   O    doub N N 7   
ALA C   OXT  sing N N 8   
ALA CB  HB1  sing N N 9   
ALA CB  HB2  sing N N 10  
ALA CB  HB3  sing N N 11  
ALA OXT HXT  sing N N 12  
ARG N   CA   sing N N 13  
ARG N   H    sing N N 14  
ARG N   H2   sing N N 15  
ARG CA  C    sing N N 16  
ARG CA  CB   sing N N 17  
ARG CA  HA   sing N N 18  
ARG C   O    doub N N 19  
ARG C   OXT  sing N N 20  
ARG CB  CG   sing N N 21  
ARG CB  HB2  sing N N 22  
ARG CB  HB3  sing N N 23  
ARG CG  CD   sing N N 24  
ARG CG  HG2  sing N N 25  
ARG CG  HG3  sing N N 26  
ARG CD  NE   sing N N 27  
ARG CD  HD2  sing N N 28  
ARG CD  HD3  sing N N 29  
ARG NE  CZ   sing N N 30  
ARG NE  HE   sing N N 31  
ARG CZ  NH1  sing N N 32  
ARG CZ  NH2  doub N N 33  
ARG NH1 HH11 sing N N 34  
ARG NH1 HH12 sing N N 35  
ARG NH2 HH21 sing N N 36  
ARG NH2 HH22 sing N N 37  
ARG OXT HXT  sing N N 38  
ASN N   CA   sing N N 39  
ASN N   H    sing N N 40  
ASN N   H2   sing N N 41  
ASN CA  C    sing N N 42  
ASN CA  CB   sing N N 43  
ASN CA  HA   sing N N 44  
ASN C   O    doub N N 45  
ASN C   OXT  sing N N 46  
ASN CB  CG   sing N N 47  
ASN CB  HB2  sing N N 48  
ASN CB  HB3  sing N N 49  
ASN CG  OD1  doub N N 50  
ASN CG  ND2  sing N N 51  
ASN ND2 HD21 sing N N 52  
ASN ND2 HD22 sing N N 53  
ASN OXT HXT  sing N N 54  
ASP N   CA   sing N N 55  
ASP N   H    sing N N 56  
ASP N   H2   sing N N 57  
ASP CA  C    sing N N 58  
ASP CA  CB   sing N N 59  
ASP CA  HA   sing N N 60  
ASP C   O    doub N N 61  
ASP C   OXT  sing N N 62  
ASP CB  CG   sing N N 63  
ASP CB  HB2  sing N N 64  
ASP CB  HB3  sing N N 65  
ASP CG  OD1  doub N N 66  
ASP CG  OD2  sing N N 67  
ASP OD2 HD2  sing N N 68  
ASP OXT HXT  sing N N 69  
GLN N   CA   sing N N 70  
GLN N   H    sing N N 71  
GLN N   H2   sing N N 72  
GLN CA  C    sing N N 73  
GLN CA  CB   sing N N 74  
GLN CA  HA   sing N N 75  
GLN C   O    doub N N 76  
GLN C   OXT  sing N N 77  
GLN CB  CG   sing N N 78  
GLN CB  HB2  sing N N 79  
GLN CB  HB3  sing N N 80  
GLN CG  CD   sing N N 81  
GLN CG  HG2  sing N N 82  
GLN CG  HG3  sing N N 83  
GLN CD  OE1  doub N N 84  
GLN CD  NE2  sing N N 85  
GLN NE2 HE21 sing N N 86  
GLN NE2 HE22 sing N N 87  
GLN OXT HXT  sing N N 88  
HOH O   H1   sing N N 89  
HOH O   H2   sing N N 90  
ILE N   CA   sing N N 91  
ILE N   H    sing N N 92  
ILE N   H2   sing N N 93  
ILE CA  C    sing N N 94  
ILE CA  CB   sing N N 95  
ILE CA  HA   sing N N 96  
ILE C   O    doub N N 97  
ILE C   OXT  sing N N 98  
ILE CB  CG1  sing N N 99  
ILE CB  CG2  sing N N 100 
ILE CB  HB   sing N N 101 
ILE CG1 CD1  sing N N 102 
ILE CG1 HG12 sing N N 103 
ILE CG1 HG13 sing N N 104 
ILE CG2 HG21 sing N N 105 
ILE CG2 HG22 sing N N 106 
ILE CG2 HG23 sing N N 107 
ILE CD1 HD11 sing N N 108 
ILE CD1 HD12 sing N N 109 
ILE CD1 HD13 sing N N 110 
ILE OXT HXT  sing N N 111 
LEU N   CA   sing N N 112 
LEU N   H    sing N N 113 
LEU N   H2   sing N N 114 
LEU CA  C    sing N N 115 
LEU CA  CB   sing N N 116 
LEU CA  HA   sing N N 117 
LEU C   O    doub N N 118 
LEU C   OXT  sing N N 119 
LEU CB  CG   sing N N 120 
LEU CB  HB2  sing N N 121 
LEU CB  HB3  sing N N 122 
LEU CG  CD1  sing N N 123 
LEU CG  CD2  sing N N 124 
LEU CG  HG   sing N N 125 
LEU CD1 HD11 sing N N 126 
LEU CD1 HD12 sing N N 127 
LEU CD1 HD13 sing N N 128 
LEU CD2 HD21 sing N N 129 
LEU CD2 HD22 sing N N 130 
LEU CD2 HD23 sing N N 131 
LEU OXT HXT  sing N N 132 
LYS N   CA   sing N N 133 
LYS N   H    sing N N 134 
LYS N   H2   sing N N 135 
LYS CA  C    sing N N 136 
LYS CA  CB   sing N N 137 
LYS CA  HA   sing N N 138 
LYS C   O    doub N N 139 
LYS C   OXT  sing N N 140 
LYS CB  CG   sing N N 141 
LYS CB  HB2  sing N N 142 
LYS CB  HB3  sing N N 143 
LYS CG  CD   sing N N 144 
LYS CG  HG2  sing N N 145 
LYS CG  HG3  sing N N 146 
LYS CD  CE   sing N N 147 
LYS CD  HD2  sing N N 148 
LYS CD  HD3  sing N N 149 
LYS CE  NZ   sing N N 150 
LYS CE  HE2  sing N N 151 
LYS CE  HE3  sing N N 152 
LYS NZ  HZ1  sing N N 153 
LYS NZ  HZ2  sing N N 154 
LYS NZ  HZ3  sing N N 155 
LYS OXT HXT  sing N N 156 
MET N   CA   sing N N 157 
MET N   H    sing N N 158 
MET N   H2   sing N N 159 
MET CA  C    sing N N 160 
MET CA  CB   sing N N 161 
MET CA  HA   sing N N 162 
MET C   O    doub N N 163 
MET C   OXT  sing N N 164 
MET CB  CG   sing N N 165 
MET CB  HB2  sing N N 166 
MET CB  HB3  sing N N 167 
MET CG  SD   sing N N 168 
MET CG  HG2  sing N N 169 
MET CG  HG3  sing N N 170 
MET SD  CE   sing N N 171 
MET CE  HE1  sing N N 172 
MET CE  HE2  sing N N 173 
MET CE  HE3  sing N N 174 
MET OXT HXT  sing N N 175 
PHE N   CA   sing N N 176 
PHE N   H    sing N N 177 
PHE N   H2   sing N N 178 
PHE CA  C    sing N N 179 
PHE CA  CB   sing N N 180 
PHE CA  HA   sing N N 181 
PHE C   O    doub N N 182 
PHE C   OXT  sing N N 183 
PHE CB  CG   sing N N 184 
PHE CB  HB2  sing N N 185 
PHE CB  HB3  sing N N 186 
PHE CG  CD1  doub Y N 187 
PHE CG  CD2  sing Y N 188 
PHE CD1 CE1  sing Y N 189 
PHE CD1 HD1  sing N N 190 
PHE CD2 CE2  doub Y N 191 
PHE CD2 HD2  sing N N 192 
PHE CE1 CZ   doub Y N 193 
PHE CE1 HE1  sing N N 194 
PHE CE2 CZ   sing Y N 195 
PHE CE2 HE2  sing N N 196 
PHE CZ  HZ   sing N N 197 
PHE OXT HXT  sing N N 198 
SER N   CA   sing N N 199 
SER N   H    sing N N 200 
SER N   H2   sing N N 201 
SER CA  C    sing N N 202 
SER CA  CB   sing N N 203 
SER CA  HA   sing N N 204 
SER C   O    doub N N 205 
SER C   OXT  sing N N 206 
SER CB  OG   sing N N 207 
SER CB  HB2  sing N N 208 
SER CB  HB3  sing N N 209 
SER OG  HG   sing N N 210 
SER OXT HXT  sing N N 211 
THR N   CA   sing N N 212 
THR N   H    sing N N 213 
THR N   H2   sing N N 214 
THR CA  C    sing N N 215 
THR CA  CB   sing N N 216 
THR CA  HA   sing N N 217 
THR C   O    doub N N 218 
THR C   OXT  sing N N 219 
THR CB  OG1  sing N N 220 
THR CB  CG2  sing N N 221 
THR CB  HB   sing N N 222 
THR OG1 HG1  sing N N 223 
THR CG2 HG21 sing N N 224 
THR CG2 HG22 sing N N 225 
THR CG2 HG23 sing N N 226 
THR OXT HXT  sing N N 227 
TYR N   CA   sing N N 228 
TYR N   H    sing N N 229 
TYR N   H2   sing N N 230 
TYR CA  C    sing N N 231 
TYR CA  CB   sing N N 232 
TYR CA  HA   sing N N 233 
TYR C   O    doub N N 234 
TYR C   OXT  sing N N 235 
TYR CB  CG   sing N N 236 
TYR CB  HB2  sing N N 237 
TYR CB  HB3  sing N N 238 
TYR CG  CD1  doub Y N 239 
TYR CG  CD2  sing Y N 240 
TYR CD1 CE1  sing Y N 241 
TYR CD1 HD1  sing N N 242 
TYR CD2 CE2  doub Y N 243 
TYR CD2 HD2  sing N N 244 
TYR CE1 CZ   doub Y N 245 
TYR CE1 HE1  sing N N 246 
TYR CE2 CZ   sing Y N 247 
TYR CE2 HE2  sing N N 248 
TYR CZ  OH   sing N N 249 
TYR OH  HH   sing N N 250 
TYR OXT HXT  sing N N 251 
VAL N   CA   sing N N 252 
VAL N   H    sing N N 253 
VAL N   H2   sing N N 254 
VAL CA  C    sing N N 255 
VAL CA  CB   sing N N 256 
VAL CA  HA   sing N N 257 
VAL C   O    doub N N 258 
VAL C   OXT  sing N N 259 
VAL CB  CG1  sing N N 260 
VAL CB  CG2  sing N N 261 
VAL CB  HB   sing N N 262 
VAL CG1 HG11 sing N N 263 
VAL CG1 HG12 sing N N 264 
VAL CG1 HG13 sing N N 265 
VAL CG2 HG21 sing N N 266 
VAL CG2 HG22 sing N N 267 
VAL CG2 HG23 sing N N 268 
VAL OXT HXT  sing N N 269 
# 
_atom_sites.entry_id                    2GUS 
_atom_sites.fract_transf_matrix[1][1]   -0.02092446 
_atom_sites.fract_transf_matrix[1][2]   -0.00040024 
_atom_sites.fract_transf_matrix[1][3]   0.01710004 
_atom_sites.fract_transf_matrix[2][1]   0.00528701 
_atom_sites.fract_transf_matrix[2][2]   -0.02584686 
_atom_sites.fract_transf_matrix[2][3]   0.00586449 
_atom_sites.fract_transf_matrix[3][1]   0.00743535 
_atom_sites.fract_transf_matrix[3][2]   0.00360439 
_atom_sites.fract_transf_matrix[3][3]   0.00918262 
_atom_sites.fract_transf_vector[1]      0.130924 
_atom_sites.fract_transf_vector[2]      0.625133 
_atom_sites.fract_transf_vector[3]      0.093468 
# 
loop_
_atom_type.symbol 
C 
N 
O 
S 
# 
loop_
_atom_site.group_PDB 
_atom_site.id 
_atom_site.type_symbol 
_atom_site.label_atom_id 
_atom_site.label_alt_id 
_atom_site.label_comp_id 
_atom_site.label_asym_id 
_atom_site.label_entity_id 
_atom_site.label_seq_id 
_atom_site.pdbx_PDB_ins_code 
_atom_site.Cartn_x 
_atom_site.Cartn_y 
_atom_site.Cartn_z 
_atom_site.occupancy 
_atom_site.B_iso_or_equiv 
_atom_site.pdbx_formal_charge 
_atom_site.auth_seq_id 
_atom_site.auth_comp_id 
_atom_site.auth_asym_id 
_atom_site.auth_atom_id 
_atom_site.pdbx_PDB_model_num 
ATOM   1   N N   . PHE A 1 13 ? 15.755  15.721  22.034  1.00 37.88 ? 13 PHE A N   1 
ATOM   2   C CA  . PHE A 1 13 ? 15.858  14.503  21.177  1.00 38.03 ? 13 PHE A CA  1 
ATOM   3   C C   . PHE A 1 13 ? 14.700  13.524  21.376  1.00 38.60 ? 13 PHE A C   1 
ATOM   4   O O   . PHE A 1 13 ? 14.258  12.867  20.421  1.00 37.99 ? 13 PHE A O   1 
ATOM   5   C CB  . PHE A 1 13 ? 17.197  13.788  21.412  1.00 37.87 ? 13 PHE A CB  1 
ATOM   6   C CG  . PHE A 1 13 ? 17.292  12.459  20.721  1.00 36.67 ? 13 PHE A CG  1 
ATOM   7   C CD1 . PHE A 1 13 ? 17.526  12.391  19.355  1.00 36.08 ? 13 PHE A CD1 1 
ATOM   8   C CD2 . PHE A 1 13 ? 17.121  11.277  21.435  1.00 35.96 ? 13 PHE A CD2 1 
ATOM   9   C CE1 . PHE A 1 13 ? 17.586  11.157  18.698  1.00 34.81 ? 13 PHE A CE1 1 
ATOM   10  C CE2 . PHE A 1 13 ? 17.198  10.047  20.802  1.00 35.75 ? 13 PHE A CE2 1 
ATOM   11  C CZ  . PHE A 1 13 ? 17.418  9.984   19.419  1.00 35.82 ? 13 PHE A CZ  1 
ATOM   12  N N   . GLN A 1 14 ? 14.214  13.402  22.608  1.00 39.28 ? 14 GLN A N   1 
ATOM   13  C CA  . GLN A 1 14 ? 13.169  12.415  22.885  1.00 40.08 ? 14 GLN A CA  1 
ATOM   14  C C   . GLN A 1 14 ? 11.785  12.871  22.414  1.00 40.01 ? 14 GLN A C   1 
ATOM   15  O O   . GLN A 1 14 ? 10.926  12.033  22.105  1.00 40.03 ? 14 GLN A O   1 
ATOM   16  C CB  . GLN A 1 14 ? 13.204  11.940  24.341  1.00 40.37 ? 14 GLN A CB  1 
ATOM   17  C CG  . GLN A 1 14 ? 14.556  11.295  24.718  1.00 41.34 ? 14 GLN A CG  1 
ATOM   18  C CD  . GLN A 1 14 ? 14.481  10.544  26.075  1.00 41.72 ? 14 GLN A CD  1 
ATOM   19  O OE1 . GLN A 1 14 ? 14.461  11.324  27.192  1.00 44.32 ? 14 GLN A OE1 1 
ATOM   20  N NE2 . GLN A 1 14 ? 14.705  9.152   26.304  1.00 44.35 ? 14 GLN A NE2 1 
ATOM   21  N N   . THR A 1 15 ? 11.583  14.186  22.301  1.00 39.58 ? 15 THR A N   1 
ATOM   22  C CA  . THR A 1 15 ? 10.440  14.692  21.516  1.00 38.76 ? 15 THR A CA  1 
ATOM   23  C C   . THR A 1 15 ? 10.556  14.272  20.067  1.00 38.44 ? 15 THR A C   1 
ATOM   24  O O   . THR A 1 15 ? 9.569   13.865  19.448  1.00 37.25 ? 15 THR A O   1 
ATOM   25  C CB  . THR A 1 15 ? 10.350  16.223  21.496  1.00 39.26 ? 15 THR A CB  1 
ATOM   26  O OG1 . THR A 1 15 ? 11.620  16.772  21.109  1.00 40.79 ? 15 THR A OG1 1 
ATOM   27  C CG2 . THR A 1 15 ? 9.932   16.769  22.873  1.00 36.67 ? 15 THR A CG2 1 
ATOM   28  N N   . PHE A 1 16 ? 11.759  14.406  19.510  1.00 37.69 ? 16 PHE A N   1 
ATOM   29  C CA  . PHE A 1 16 ? 11.978  14.029  18.117  1.00 36.29 ? 16 PHE A CA  1 
ATOM   30  C C   . PHE A 1 16 ? 11.702  12.534  17.913  1.00 36.50 ? 16 PHE A C   1 
ATOM   31  O O   . PHE A 1 16 ? 11.053  12.138  16.930  1.00 34.92 ? 16 PHE A O   1 
ATOM   32  C CB  . PHE A 1 16 ? 13.402  14.402  17.661  1.00 36.29 ? 16 PHE A CB  1 
ATOM   33  C CG  . PHE A 1 16 ? 13.867  13.609  16.486  1.00 34.72 ? 16 PHE A CG  1 
ATOM   34  C CD1 . PHE A 1 16 ? 13.390  13.892  15.213  1.00 33.34 ? 16 PHE A CD1 1 
ATOM   35  C CD2 . PHE A 1 16 ? 14.742  12.538  16.658  1.00 34.09 ? 16 PHE A CD2 1 
ATOM   36  C CE1 . PHE A 1 16 ? 13.775  13.118  14.128  1.00 33.32 ? 16 PHE A CE1 1 
ATOM   37  C CE2 . PHE A 1 16 ? 15.131  11.768  15.566  1.00 35.34 ? 16 PHE A CE2 1 
ATOM   38  C CZ  . PHE A 1 16 ? 14.643  12.062  14.303  1.00 34.19 ? 16 PHE A CZ  1 
ATOM   39  N N   . ASN A 1 17 ? 12.168  11.713  18.851  1.00 36.44 ? 17 ASN A N   1 
ATOM   40  C CA  . ASN A 1 17 ? 12.011  10.260  18.748  1.00 37.31 ? 17 ASN A CA  1 
ATOM   41  C C   . ASN A 1 17 ? 10.538  9.830   18.751  1.00 36.79 ? 17 ASN A C   1 
ATOM   42  O O   . ASN A 1 17 ? 10.120  9.008   17.946  1.00 36.32 ? 17 ASN A O   1 
ATOM   43  C CB  . ASN A 1 17 ? 12.815  9.570   19.868  1.00 37.51 ? 17 ASN A CB  1 
ATOM   44  C CG  . ASN A 1 17 ? 12.785  8.054   19.752  1.00 39.94 ? 17 ASN A CG  1 
ATOM   45  O OD1 . ASN A 1 17 ? 13.176  7.498   18.657  1.00 40.85 ? 17 ASN A OD1 1 
ATOM   46  N ND2 . ASN A 1 17 ? 12.260  7.364   20.835  1.00 39.75 ? 17 ASN A ND2 1 
ATOM   47  N N   . ALA A 1 18 ? 9.752   10.399  19.666  1.00 36.91 ? 18 ALA A N   1 
ATOM   48  C CA  . ALA A 1 18 ? 8.298   10.194  19.683  1.00 36.37 ? 18 ALA A CA  1 
ATOM   49  C C   . ALA A 1 18 ? 7.669   10.620  18.369  1.00 35.85 ? 18 ALA A C   1 
ATOM   50  O O   . ALA A 1 18 ? 6.792   9.930   17.838  1.00 36.27 ? 18 ALA A O   1 
ATOM   51  C CB  . ALA A 1 18 ? 7.660   10.955  20.848  1.00 36.33 ? 18 ALA A CB  1 
ATOM   52  N N   . LYS A 1 19 ? 8.134   11.743  17.826  1.00 35.16 ? 19 LYS A N   1 
ATOM   53  C CA  . LYS A 1 19 ? 7.635   12.249  16.536  1.00 34.52 ? 19 LYS A CA  1 
ATOM   54  C C   . LYS A 1 19 ? 8.007   11.299  15.386  1.00 33.67 ? 19 LYS A C   1 
ATOM   55  O O   . LYS A 1 19 ? 7.196   11.015  14.454  1.00 33.41 ? 19 LYS A O   1 
ATOM   56  C CB  . LYS A 1 19 ? 8.204   13.660  16.334  1.00 34.42 ? 19 LYS A CB  1 
ATOM   57  C CG  . LYS A 1 19 ? 7.974   14.297  14.986  1.00 36.66 ? 19 LYS A CG  1 
ATOM   58  C CD  . LYS A 1 19 ? 8.331   15.774  15.026  1.00 36.62 ? 19 LYS A CD  1 
ATOM   59  C CE  . LYS A 1 19 ? 9.818   15.999  15.258  1.00 37.84 ? 19 LYS A CE  1 
ATOM   60  N NZ  . LYS A 1 19 ? 10.200  17.397  14.973  1.00 37.54 ? 19 LYS A NZ  1 
ATOM   61  N N   . PHE A 1 20 ? 9.222   10.764  15.465  1.00 32.67 ? 20 PHE A N   1 
ATOM   62  C CA  . PHE A 1 20 ? 9.696   9.790   14.481  1.00 32.71 ? 20 PHE A CA  1 
ATOM   63  C C   . PHE A 1 20 ? 8.892   8.497   14.541  1.00 32.75 ? 20 PHE A C   1 
ATOM   64  O O   . PHE A 1 20 ? 8.544   7.923   13.499  1.00 31.95 ? 20 PHE A O   1 
ATOM   65  C CB  . PHE A 1 20 ? 11.191  9.484   14.682  1.00 33.41 ? 20 PHE A CB  1 
ATOM   66  C CG  . PHE A 1 20 ? 11.698  8.436   13.746  1.00 33.00 ? 20 PHE A CG  1 
ATOM   67  C CD1 . PHE A 1 20 ? 12.178  8.789   12.490  1.00 31.16 ? 20 PHE A CD1 1 
ATOM   68  C CD2 . PHE A 1 20 ? 11.667  7.085   14.105  1.00 33.30 ? 20 PHE A CD2 1 
ATOM   69  C CE1 . PHE A 1 20 ? 12.620  7.810   11.587  1.00 34.37 ? 20 PHE A CE1 1 
ATOM   70  C CE2 . PHE A 1 20 ? 12.108  6.102   13.218  1.00 34.99 ? 20 PHE A CE2 1 
ATOM   71  C CZ  . PHE A 1 20 ? 12.578  6.465   11.942  1.00 34.51 ? 20 PHE A CZ  1 
ATOM   72  N N   . ASP A 1 21 ? 8.610   8.015   15.749  1.00 32.93 ? 21 ASP A N   1 
ATOM   73  C CA  . ASP A 1 21 ? 7.822   6.787   15.900  1.00 34.06 ? 21 ASP A CA  1 
ATOM   74  C C   . ASP A 1 21 ? 6.439   6.939   15.268  1.00 34.30 ? 21 ASP A C   1 
ATOM   75  O O   . ASP A 1 21 ? 5.951   6.036   14.567  1.00 35.22 ? 21 ASP A O   1 
ATOM   76  C CB  . ASP A 1 21 ? 7.693   6.414   17.368  1.00 34.35 ? 21 ASP A CB  1 
ATOM   77  C CG  . ASP A 1 21 ? 8.977   5.853   17.945  1.00 34.04 ? 21 ASP A CG  1 
ATOM   78  O OD1 . ASP A 1 21 ? 9.861   5.413   17.180  1.00 34.65 ? 21 ASP A OD1 1 
ATOM   79  O OD2 . ASP A 1 21 ? 9.077   5.811   19.172  1.00 36.09 ? 21 ASP A OD2 1 
ATOM   80  N N   . GLN A 1 22 ? 5.818   8.097   15.472  1.00 35.03 ? 22 GLN A N   1 
ATOM   81  C CA  . GLN A 1 22 ? 4.524   8.371   14.827  1.00 35.33 ? 22 GLN A CA  1 
ATOM   82  C C   . GLN A 1 22 ? 4.662   8.377   13.306  1.00 35.28 ? 22 GLN A C   1 
ATOM   83  O O   . GLN A 1 22 ? 3.861   7.747   12.600  1.00 34.34 ? 22 GLN A O   1 
ATOM   84  C CB  . GLN A 1 22 ? 3.916   9.688   15.330  1.00 36.38 ? 22 GLN A CB  1 
ATOM   85  C CG  . GLN A 1 22 ? 2.581   10.042  14.662  1.00 39.25 ? 22 GLN A CG  1 
ATOM   86  C CD  . GLN A 1 22 ? 1.474   9.045   14.977  1.00 41.31 ? 22 GLN A CD  1 
ATOM   87  O OE1 . GLN A 1 22 ? 1.173   8.778   16.137  1.00 44.11 ? 22 GLN A OE1 1 
ATOM   88  N NE2 . GLN A 1 22 ? 0.855   8.508   13.940  1.00 42.44 ? 22 GLN A NE2 1 
ATOM   89  N N   . PHE A 1 23 ? 5.664   9.093   12.800  1.00 34.15 ? 23 PHE A N   1 
ATOM   90  C CA  . PHE A 1 23 ? 5.960   9.101   11.360  1.00 34.09 ? 23 PHE A CA  1 
ATOM   91  C C   . PHE A 1 23 ? 6.151   7.686   10.797  1.00 33.32 ? 23 PHE A C   1 
ATOM   92  O O   . PHE A 1 23 ? 5.598   7.328   9.746   1.00 32.58 ? 23 PHE A O   1 
ATOM   93  C CB  . PHE A 1 23 ? 7.223   9.955   11.120  1.00 34.47 ? 23 PHE A CB  1 
ATOM   94  C CG  . PHE A 1 23 ? 7.716   9.926   9.694   1.00 33.06 ? 23 PHE A CG  1 
ATOM   95  C CD1 . PHE A 1 23 ? 6.950   10.477  8.669   1.00 36.38 ? 23 PHE A CD1 1 
ATOM   96  C CD2 . PHE A 1 23 ? 8.951   9.376   9.390   1.00 33.75 ? 23 PHE A CD2 1 
ATOM   97  C CE1 . PHE A 1 23 ? 7.406   10.460  7.360   1.00 32.66 ? 23 PHE A CE1 1 
ATOM   98  C CE2 . PHE A 1 23 ? 9.424   9.349   8.080   1.00 34.43 ? 23 PHE A CE2 1 
ATOM   99  C CZ  . PHE A 1 23 ? 8.649   9.899   7.059   1.00 32.89 ? 23 PHE A CZ  1 
ATOM   100 N N   . SER A 1 24 ? 6.971   6.894   11.473  1.00 32.81 ? 24 SER A N   1 
ATOM   101 C CA  . SER A 1 24 ? 7.232   5.521   11.043  1.00 33.94 ? 24 SER A CA  1 
ATOM   102 C C   . SER A 1 24 ? 5.924   4.733   10.957  1.00 34.18 ? 24 SER A C   1 
ATOM   103 O O   . SER A 1 24 ? 5.723   3.965   10.007  1.00 33.80 ? 24 SER A O   1 
ATOM   104 C CB  . SER A 1 24 ? 8.207   4.842   12.021  1.00 34.79 ? 24 SER A CB  1 
ATOM   105 O OG  . SER A 1 24 ? 8.481   3.522   11.550  1.00 36.92 ? 24 SER A OG  1 
ATOM   106 N N   . ASN A 1 25 ? 5.035   4.908   11.940  1.00 33.96 ? 25 ASN A N   1 
ATOM   107 C CA  . ASN A 1 25 ? 3.733   4.199   11.912  1.00 34.59 ? 25 ASN A CA  1 
ATOM   108 C C   . ASN A 1 25 ? 2.917   4.668   10.720  1.00 33.97 ? 25 ASN A C   1 
ATOM   109 O O   . ASN A 1 25 ? 2.261   3.859   10.042  1.00 35.35 ? 25 ASN A O   1 
ATOM   110 C CB  . ASN A 1 25 ? 2.924   4.459   13.182  1.00 34.66 ? 25 ASN A CB  1 
ATOM   111 C CG  . ASN A 1 25 ? 3.480   3.724   14.397  1.00 35.16 ? 25 ASN A CG  1 
ATOM   112 O OD1 . ASN A 1 25 ? 4.191   2.727   14.263  1.00 37.72 ? 25 ASN A OD1 1 
ATOM   113 N ND2 . ASN A 1 25 ? 3.136   4.197   15.584  1.00 35.07 ? 25 ASN A ND2 1 
ATOM   114 N N   . ASP A 1 26 ? 2.946   5.976   10.448  1.00 33.72 ? 26 ASP A N   1 
ATOM   115 C CA  . ASP A 1 26 ? 2.185   6.532   9.303   1.00 34.34 ? 26 ASP A CA  1 
ATOM   116 C C   . ASP A 1 26 ? 2.689   5.963   8.007   1.00 34.22 ? 26 ASP A C   1 
ATOM   117 O O   . ASP A 1 26 ? 1.895   5.631   7.095   1.00 34.59 ? 26 ASP A O   1 
ATOM   118 C CB  . ASP A 1 26 ? 2.263   8.078   9.265   1.00 34.06 ? 26 ASP A CB  1 
ATOM   119 C CG  . ASP A 1 26 ? 1.514   8.717   10.418  1.00 38.22 ? 26 ASP A CG  1 
ATOM   120 O OD1 . ASP A 1 26 ? 0.667   8.018   11.023  1.00 39.01 ? 26 ASP A OD1 1 
ATOM   121 O OD2 . ASP A 1 26 ? 1.792   9.900   10.757  1.00 39.01 ? 26 ASP A OD2 1 
ATOM   122 N N   . MET A 1 27 ? 4.012   5.863   7.898   1.00 34.33 ? 27 MET A N   1 
ATOM   123 C CA  . MET A 1 27 ? 4.640   5.334   6.674   1.00 34.40 ? 27 MET A CA  1 
ATOM   124 C C   . MET A 1 27 ? 4.385   3.846   6.523   1.00 35.69 ? 27 MET A C   1 
ATOM   125 O O   . MET A 1 27 ? 4.215   3.329   5.403   1.00 36.47 ? 27 MET A O   1 
ATOM   126 C CB  . MET A 1 27 ? 6.145   5.666   6.637   1.00 34.68 ? 27 MET A CB  1 
ATOM   127 C CG  . MET A 1 27 ? 6.439   7.160   6.457   1.00 34.71 ? 27 MET A CG  1 
ATOM   128 S SD  . MET A 1 27 ? 5.661   7.893   4.987   1.00 34.07 ? 27 MET A SD  1 
ATOM   129 C CE  . MET A 1 27 ? 6.796   7.594   3.689   1.00 41.40 ? 27 MET A CE  1 
ATOM   130 N N   . ASN A 1 28 ? 4.350   3.137   7.636   1.00 35.76 ? 28 ASN A N   1 
ATOM   131 C CA  . ASN A 1 28 ? 4.071   1.717   7.517   1.00 36.93 ? 28 ASN A CA  1 
ATOM   132 C C   . ASN A 1 28 ? 2.591   1.450   7.162   1.00 36.46 ? 28 ASN A C   1 
ATOM   133 O O   . ASN A 1 28 ? 2.290   0.546   6.336   1.00 35.98 ? 28 ASN A O   1 
ATOM   134 C CB  . ASN A 1 28 ? 4.702   0.997   8.699   1.00 38.46 ? 28 ASN A CB  1 
ATOM   135 C CG  . ASN A 1 28 ? 6.239   0.893   8.519   1.00 41.14 ? 28 ASN A CG  1 
ATOM   136 O OD1 . ASN A 1 28 ? 6.725   0.062   7.740   1.00 45.24 ? 28 ASN A OD1 1 
ATOM   137 N ND2 . ASN A 1 28 ? 6.986   1.783   9.163   1.00 47.54 ? 28 ASN A ND2 1 
ATOM   138 N N   . ALA A 1 29 ? 1.680   2.289   7.653   1.00 35.74 ? 29 ALA A N   1 
ATOM   139 C CA  . ALA A 1 29 ? 0.267   2.262   7.157   1.00 35.59 ? 29 ALA A CA  1 
ATOM   140 C C   . ALA A 1 29 ? 0.141   2.592   5.670   1.00 35.82 ? 29 ALA A C   1 
ATOM   141 O O   . ALA A 1 29 ? -0.610  1.933   4.909   1.00 34.29 ? 29 ALA A O   1 
ATOM   142 C CB  . ALA A 1 29 ? -0.629  3.190   7.953   1.00 36.46 ? 29 ALA A CB  1 
ATOM   143 N N   . PHE A 1 30 ? 0.931   3.564   5.223   1.00 35.07 ? 30 PHE A N   1 
ATOM   144 C CA  . PHE A 1 30 ? 1.019   3.870   3.775   1.00 35.24 ? 30 PHE A CA  1 
ATOM   145 C C   . PHE A 1 30 ? 1.508   2.652   2.989   1.00 34.38 ? 30 PHE A C   1 
ATOM   146 O O   . PHE A 1 30 ? 0.865   2.235   1.973   1.00 33.98 ? 30 PHE A O   1 
ATOM   147 C CB  . PHE A 1 30 ? 1.942   5.103   3.653   1.00 33.65 ? 30 PHE A CB  1 
ATOM   148 C CG  . PHE A 1 30 ? 2.241   5.588   2.244   1.00 35.76 ? 30 PHE A CG  1 
ATOM   149 C CD1 . PHE A 1 30 ? 1.429   5.302   1.143   1.00 33.65 ? 30 PHE A CD1 1 
ATOM   150 C CD2 . PHE A 1 30 ? 3.324   6.450   2.073   1.00 37.42 ? 30 PHE A CD2 1 
ATOM   151 C CE1 . PHE A 1 30 ? 1.751   5.809   -0.120  1.00 35.95 ? 30 PHE A CE1 1 
ATOM   152 C CE2 . PHE A 1 30 ? 3.642   6.952   0.808   1.00 37.04 ? 30 PHE A CE2 1 
ATOM   153 C CZ  . PHE A 1 30 ? 2.829   6.610   -0.283  1.00 34.03 ? 30 PHE A CZ  1 
ATOM   154 N N   . ARG A 1 31 ? 2.579   2.015   3.459   1.00 33.40 ? 31 ARG A N   1 
ATOM   155 C CA  . ARG A 1 31 ? 3.093   0.817   2.782   1.00 34.40 ? 31 ARG A CA  1 
ATOM   156 C C   . ARG A 1 31 ? 2.002   -0.248  2.662   1.00 36.25 ? 31 ARG A C   1 
ATOM   157 O O   . ARG A 1 31 ? 1.802   -0.822  1.571   1.00 36.54 ? 31 ARG A O   1 
ATOM   158 C CB  . ARG A 1 31 ? 4.343   0.262   3.486   1.00 34.91 ? 31 ARG A CB  1 
ATOM   159 C CG  . ARG A 1 31 ? 4.961   -0.866  2.674   1.00 38.16 ? 31 ARG A CG  1 
ATOM   160 C CD  . ARG A 1 31 ? 6.100   -1.460  3.444   1.00 41.89 ? 31 ARG A CD  1 
ATOM   161 N NE  . ARG A 1 31 ? 6.752   -2.573  2.751   1.00 48.01 ? 31 ARG A NE  1 
ATOM   162 C CZ  . ARG A 1 31 ? 7.635   -3.370  3.348   1.00 47.31 ? 31 ARG A CZ  1 
ATOM   163 N NH1 . ARG A 1 31 ? 7.914   -3.193  4.626   1.00 49.00 ? 31 ARG A NH1 1 
ATOM   164 N NH2 . ARG A 1 31 ? 8.200   -4.378  2.684   1.00 50.08 ? 31 ARG A NH2 1 
ATOM   165 N N   . SER A 1 32 ? 1.262   -0.444  3.744   1.00 36.50 ? 32 SER A N   1 
ATOM   166 C CA  . SER A 1 32 ? 0.166   -1.427  3.765   1.00 38.31 ? 32 SER A CA  1 
ATOM   167 C C   . SER A 1 32 ? -0.973  -1.103  2.807   1.00 36.89 ? 32 SER A C   1 
ATOM   168 O O   . SER A 1 32 ? -1.520  -2.015  2.107   1.00 36.90 ? 32 SER A O   1 
ATOM   169 C CB  . SER A 1 32 ? -0.340  -1.560  5.184   1.00 39.70 ? 32 SER A CB  1 
ATOM   170 O OG  . SER A 1 32 ? 0.591   -2.370  5.881   1.00 45.20 ? 32 SER A OG  1 
ATOM   171 N N   . ASP A 1 33 ? -1.308  0.180   2.710   1.00 35.95 ? 33 ASP A N   1 
ATOM   172 C CA  . ASP A 1 33 ? -2.346  0.637   1.792   1.00 36.76 ? 33 ASP A CA  1 
ATOM   173 C C   . ASP A 1 33 ? -1.873  0.407   0.363   1.00 36.48 ? 33 ASP A C   1 
ATOM   174 O O   . ASP A 1 33 ? -2.659  0.018   -0.495  1.00 36.37 ? 33 ASP A O   1 
ATOM   175 C CB  . ASP A 1 33 ? -2.664  2.127   2.028   1.00 37.55 ? 33 ASP A CB  1 
ATOM   176 C CG  . ASP A 1 33 ? -3.369  2.354   3.385   1.00 42.65 ? 33 ASP A CG  1 
ATOM   177 O OD1 . ASP A 1 33 ? -3.937  1.391   3.960   1.00 47.18 ? 33 ASP A OD1 1 
ATOM   178 O OD2 . ASP A 1 33 ? -3.337  3.476   3.870   1.00 47.85 ? 33 ASP A OD2 1 
ATOM   179 N N   . PHE A 1 34 ? -0.590  0.666   0.091   1.00 34.06 ? 34 PHE A N   1 
ATOM   180 C CA  . PHE A 1 34 ? -0.081  0.405   -1.261  1.00 34.71 ? 34 PHE A CA  1 
ATOM   181 C C   . PHE A 1 34 ? -0.148  -1.103  -1.581  1.00 36.21 ? 34 PHE A C   1 
ATOM   182 O O   . PHE A 1 34 ? -0.550  -1.516  -2.693  1.00 36.39 ? 34 PHE A O   1 
ATOM   183 C CB  . PHE A 1 34 ? 1.332   0.914   -1.430  1.00 34.53 ? 34 PHE A CB  1 
ATOM   184 C CG  . PHE A 1 34 ? 1.922   0.486   -2.738  1.00 34.87 ? 34 PHE A CG  1 
ATOM   185 C CD1 . PHE A 1 34 ? 1.493   1.083   -3.896  1.00 40.43 ? 34 PHE A CD1 1 
ATOM   186 C CD2 . PHE A 1 34 ? 2.734   -0.645  -2.772  1.00 37.81 ? 34 PHE A CD2 1 
ATOM   187 C CE1 . PHE A 1 34 ? 2.007   0.598   -5.160  1.00 42.29 ? 34 PHE A CE1 1 
ATOM   188 C CE2 . PHE A 1 34 ? 3.221   -1.144  -3.990  1.00 43.87 ? 34 PHE A CE2 1 
ATOM   189 C CZ  . PHE A 1 34 ? 2.850   -0.515  -5.159  1.00 39.40 ? 34 PHE A CZ  1 
ATOM   190 N N   . GLN A 1 35 ? 0.219   -1.922  -0.594  1.00 34.81 ? 35 GLN A N   1 
ATOM   191 C CA  . GLN A 1 35 ? 0.186   -3.411  -0.797  1.00 35.09 ? 35 GLN A CA  1 
ATOM   192 C C   . GLN A 1 35 ? -1.237  -3.864  -1.147  1.00 35.24 ? 35 GLN A C   1 
ATOM   193 O O   . GLN A 1 35 ? -1.456  -4.733  -2.023  1.00 35.47 ? 35 GLN A O   1 
ATOM   194 C CB  . GLN A 1 35 ? 0.725   -4.078  0.471   1.00 35.66 ? 35 GLN A CB  1 
ATOM   195 C CG  . GLN A 1 35 ? 2.238   -3.957  0.562   1.00 42.04 ? 35 GLN A CG  1 
ATOM   196 C CD  . GLN A 1 35 ? 2.966   -4.570  -0.644  1.00 48.68 ? 35 GLN A CD  1 
ATOM   197 O OE1 . GLN A 1 35 ? 2.599   -5.653  -1.130  1.00 52.53 ? 35 GLN A OE1 1 
ATOM   198 N NE2 . GLN A 1 35 ? 3.996   -3.869  -1.146  1.00 54.01 ? 35 GLN A NE2 1 
ATOM   199 N N   . ALA A 1 36 ? -2.228  -3.247  -0.491  1.00 34.70 ? 36 ALA A N   1 
ATOM   200 C CA  . ALA A 1 36 ? -3.638  -3.574  -0.757  1.00 34.43 ? 36 ALA A CA  1 
ATOM   201 C C   . ALA A 1 36 ? -3.984  -3.165  -2.168  1.00 34.71 ? 36 ALA A C   1 
ATOM   202 O O   . ALA A 1 36 ? -4.626  -3.920  -2.908  1.00 35.67 ? 36 ALA A O   1 
ATOM   203 C CB  . ALA A 1 36 ? -4.577  -2.871  0.248   1.00 34.86 ? 36 ALA A CB  1 
ATOM   204 N N   . PHE A 1 37 ? -3.547  -1.971  -2.566  1.00 34.04 ? 37 PHE A N   1 
ATOM   205 C CA  . PHE A 1 37 ? -3.825  -1.517  -3.923  1.00 35.47 ? 37 PHE A CA  1 
ATOM   206 C C   . PHE A 1 37 ? -3.133  -2.432  -4.926  1.00 36.77 ? 37 PHE A C   1 
ATOM   207 O O   . PHE A 1 37 ? -3.732  -2.763  -5.976  1.00 35.61 ? 37 PHE A O   1 
ATOM   208 C CB  . PHE A 1 37 ? -3.292  -0.090  -4.128  1.00 35.15 ? 37 PHE A CB  1 
ATOM   209 C CG  . PHE A 1 37 ? -3.097  0.228   -5.573  1.00 33.93 ? 37 PHE A CG  1 
ATOM   210 C CD1 . PHE A 1 37 ? -4.209  0.363   -6.398  1.00 34.13 ? 37 PHE A CD1 1 
ATOM   211 C CD2 . PHE A 1 37 ? -1.824  0.223   -6.139  1.00 32.22 ? 37 PHE A CD2 1 
ATOM   212 C CE1 . PHE A 1 37 ? -4.029  0.488   -7.830  1.00 33.44 ? 37 PHE A CE1 1 
ATOM   213 C CE2 . PHE A 1 37 ? -1.641  0.358   -7.509  1.00 33.81 ? 37 PHE A CE2 1 
ATOM   214 C CZ  . PHE A 1 37 ? -2.771  0.504   -8.382  1.00 35.16 ? 37 PHE A CZ  1 
ATOM   215 N N   . LYS A 1 38 ? -1.891  -2.839  -4.655  1.00 35.27 ? 38 LYS A N   1 
ATOM   216 C CA  . LYS A 1 38 ? -1.166  -3.698  -5.617  1.00 36.69 ? 38 LYS A CA  1 
ATOM   217 C C   . LYS A 1 38 ? -1.941  -5.012  -5.873  1.00 35.60 ? 38 LYS A C   1 
ATOM   218 O O   . LYS A 1 38 ? -2.029  -5.501  -7.021  1.00 35.79 ? 38 LYS A O   1 
ATOM   219 C CB  . LYS A 1 38 ? 0.256   -4.022  -5.076  1.00 37.81 ? 38 LYS A CB  1 
ATOM   220 C CG  . LYS A 1 38 ? 1.155   -4.682  -6.128  1.00 43.12 ? 38 LYS A CG  1 
ATOM   221 C CD  . LYS A 1 38 ? 2.626   -4.426  -5.815  1.00 47.57 ? 38 LYS A CD  1 
ATOM   222 C CE  . LYS A 1 38 ? 3.482   -4.914  -6.957  1.00 47.50 ? 38 LYS A CE  1 
ATOM   223 N NZ  . LYS A 1 38 ? 4.813   -4.590  -6.665  1.00 47.00 ? 38 LYS A NZ  1 
ATOM   224 N N   . ASP A 1 39 ? -2.472  -5.600  -4.800  1.00 34.24 ? 39 ASP A N   1 
ATOM   225 C CA  . ASP A 1 39 ? -3.320  -6.792  -4.924  1.00 33.62 ? 39 ASP A CA  1 
ATOM   226 C C   . ASP A 1 39 ? -4.597  -6.492  -5.727  1.00 33.76 ? 39 ASP A C   1 
ATOM   227 O O   . ASP A 1 39 ? -5.008  -7.304  -6.611  1.00 33.78 ? 39 ASP A O   1 
ATOM   228 C CB  . ASP A 1 39 ? -3.676  -7.357  -3.552  1.00 31.49 ? 39 ASP A CB  1 
ATOM   229 C CG  . ASP A 1 39 ? -2.522  -8.020  -2.849  1.00 36.14 ? 39 ASP A CG  1 
ATOM   230 O OD1 . ASP A 1 39 ? -1.472  -8.317  -3.507  1.00 36.80 ? 39 ASP A OD1 1 
ATOM   231 O OD2 . ASP A 1 39 ? -2.692  -8.373  -1.634  1.00 33.11 ? 39 ASP A OD2 1 
ATOM   232 N N   . ASP A 1 40 ? -5.231  -5.340  -5.461  1.00 34.30 ? 40 ASP A N   1 
ATOM   233 C CA  . ASP A 1 40 ? -6.484  -5.004  -6.180  1.00 35.08 ? 40 ASP A CA  1 
ATOM   234 C C   . ASP A 1 40 ? -6.132  -4.850  -7.674  1.00 34.75 ? 40 ASP A C   1 
ATOM   235 O O   . ASP A 1 40 ? -6.893  -5.308  -8.548  1.00 34.48 ? 40 ASP A O   1 
ATOM   236 C CB  . ASP A 1 40 ? -7.048  -3.643  -5.724  1.00 35.97 ? 40 ASP A CB  1 
ATOM   237 C CG  . ASP A 1 40 ? -7.508  -3.620  -4.264  1.00 39.55 ? 40 ASP A CG  1 
ATOM   238 O OD1 . ASP A 1 40 ? -7.766  -4.666  -3.691  1.00 39.15 ? 40 ASP A OD1 1 
ATOM   239 O OD2 . ASP A 1 40 ? -7.613  -2.490  -3.702  1.00 40.83 ? 40 ASP A OD2 1 
ATOM   240 N N   . PHE A 1 41 ? -4.967  -4.238  -7.936  1.00 35.02 ? 41 PHE A N   1 
ATOM   241 C CA  . PHE A 1 41 ? -4.533  -4.029  -9.348  1.00 34.55 ? 41 PHE A CA  1 
ATOM   242 C C   . PHE A 1 41 ? -4.275  -5.371  -10.026 1.00 33.79 ? 41 PHE A C   1 
ATOM   243 O O   . PHE A 1 41 ? -4.687  -5.569  -11.192 1.00 34.47 ? 41 PHE A O   1 
ATOM   244 C CB  . PHE A 1 41 ? -3.248  -3.141  -9.498  1.00 34.96 ? 41 PHE A CB  1 
ATOM   245 C CG  . PHE A 1 41 ? -2.909  -2.935  -10.912 1.00 33.76 ? 41 PHE A CG  1 
ATOM   246 C CD1 . PHE A 1 41 ? -3.669  -2.055  -11.704 1.00 33.07 ? 41 PHE A CD1 1 
ATOM   247 C CD2 . PHE A 1 41 ? -1.930  -3.714  -11.527 1.00 35.31 ? 41 PHE A CD2 1 
ATOM   248 C CE1 . PHE A 1 41 ? -3.415  -1.944  -13.074 1.00 33.64 ? 41 PHE A CE1 1 
ATOM   249 C CE2 . PHE A 1 41 ? -1.698  -3.607  -12.910 1.00 35.24 ? 41 PHE A CE2 1 
ATOM   250 C CZ  . PHE A 1 41 ? -2.448  -2.739  -13.674 1.00 35.28 ? 41 PHE A CZ  1 
ATOM   251 N N   . ALA A 1 42 ? -3.641  -6.298  -9.309  1.00 33.83 ? 42 ALA A N   1 
ATOM   252 C CA  . ALA A 1 42 ? -3.379  -7.589  -9.914  1.00 33.23 ? 42 ALA A CA  1 
ATOM   253 C C   . ALA A 1 42 ? -4.666  -8.283  -10.277 1.00 33.90 ? 42 ALA A C   1 
ATOM   254 O O   . ALA A 1 42 ? -4.738  -8.975  -11.305 1.00 33.56 ? 42 ALA A O   1 
ATOM   255 C CB  . ALA A 1 42 ? -2.526  -8.491  -8.972  1.00 33.81 ? 42 ALA A CB  1 
ATOM   256 N N   . ARG A 1 43 ? -5.670  -8.169  -9.414  1.00 32.96 ? 43 ARG A N   1 
ATOM   257 C CA  . ARG A 1 43 ? -6.926  -8.852  -9.727  1.00 32.82 ? 43 ARG A CA  1 
ATOM   258 C C   . ARG A 1 43 ? -7.625  -8.220  -10.955 1.00 33.72 ? 43 ARG A C   1 
ATOM   259 O O   . ARG A 1 43 ? -8.230  -8.945  -11.761 1.00 35.16 ? 43 ARG A O   1 
ATOM   260 C CB  . ARG A 1 43 ? -7.842  -8.836  -8.517  1.00 33.15 ? 43 ARG A CB  1 
ATOM   261 C CG  . ARG A 1 43 ? -7.351  -9.750  -7.343  1.00 32.35 ? 43 ARG A CG  1 
ATOM   262 C CD  . ARG A 1 43 ? -8.461  -9.935  -6.278  1.00 35.12 ? 43 ARG A CD  1 
ATOM   263 N NE  . ARG A 1 43 ? -9.072  -8.650  -5.879  1.00 36.48 ? 43 ARG A NE  1 
ATOM   264 C CZ  . ARG A 1 43 ? -8.566  -7.819  -4.991  1.00 40.40 ? 43 ARG A CZ  1 
ATOM   265 N NH1 . ARG A 1 43 ? -7.426  -8.137  -4.337  1.00 31.99 ? 43 ARG A NH1 1 
ATOM   266 N NH2 . ARG A 1 43 ? -9.251  -6.711  -4.684  1.00 39.15 ? 43 ARG A NH2 1 
ATOM   267 N N   . PHE A 1 44 ? -7.612  -6.882  -11.008 1.00 33.02 ? 44 PHE A N   1 
ATOM   268 C CA  . PHE A 1 44 ? -8.138  -6.135  -12.148 1.00 33.76 ? 44 PHE A CA  1 
ATOM   269 C C   . PHE A 1 44 ? -7.413  -6.579  -13.428 1.00 33.82 ? 44 PHE A C   1 
ATOM   270 O O   . PHE A 1 44 ? -8.070  -6.861  -14.466 1.00 32.85 ? 44 PHE A O   1 
ATOM   271 C CB  . PHE A 1 44 ? -7.964  -4.604  -11.948 1.00 33.55 ? 44 PHE A CB  1 
ATOM   272 C CG  . PHE A 1 44 ? -7.958  -3.903  -13.214 1.00 30.61 ? 44 PHE A CG  1 
ATOM   273 C CD1 . PHE A 1 44 ? -9.117  -3.867  -13.983 1.00 32.91 ? 44 PHE A CD1 1 
ATOM   274 C CD2 . PHE A 1 44 ? -6.808  -3.387  -13.742 1.00 30.05 ? 44 PHE A CD2 1 
ATOM   275 C CE1 . PHE A 1 44 ? -9.103  -3.312  -15.263 1.00 30.29 ? 44 PHE A CE1 1 
ATOM   276 C CE2 . PHE A 1 44 ? -6.763  -2.811  -14.961 1.00 30.20 ? 44 PHE A CE2 1 
ATOM   277 C CZ  . PHE A 1 44 ? -7.927  -2.760  -15.771 1.00 33.48 ? 44 PHE A CZ  1 
ATOM   278 N N   . ASN A 1 45 ? -6.074  -6.658  -13.374 1.00 32.85 ? 45 ASN A N   1 
ATOM   279 C CA  . ASN A 1 45 ? -5.277  -6.941  -14.580 1.00 33.30 ? 45 ASN A CA  1 
ATOM   280 C C   . ASN A 1 45 ? -5.650  -8.328  -15.087 1.00 34.38 ? 45 ASN A C   1 
ATOM   281 O O   . ASN A 1 45 ? -5.790  -8.537  -16.285 1.00 33.92 ? 45 ASN A O   1 
ATOM   282 C CB  . ASN A 1 45 ? -3.789  -6.860  -14.217 1.00 34.67 ? 45 ASN A CB  1 
ATOM   283 C CG  . ASN A 1 45 ? -2.872  -6.635  -15.405 1.00 37.44 ? 45 ASN A CG  1 
ATOM   284 O OD1 . ASN A 1 45 ? -3.278  -6.544  -16.562 1.00 38.78 ? 45 ASN A OD1 1 
ATOM   285 N ND2 . ASN A 1 45 ? -1.617  -6.538  -15.101 1.00 41.18 ? 45 ASN A ND2 1 
ATOM   286 N N   . GLN A 1 46 ? -5.900  -9.259  -14.169 1.00 33.47 ? 46 GLN A N   1 
ATOM   287 C CA  . GLN A 1 46 ? -6.332  -10.606 -14.577 1.00 36.96 ? 46 GLN A CA  1 
ATOM   288 C C   . GLN A 1 46 ? -7.693  -10.555 -15.230 1.00 35.12 ? 46 GLN A C   1 
ATOM   289 O O   . GLN A 1 46 ? -7.888  -11.225 -16.244 1.00 35.65 ? 46 GLN A O   1 
ATOM   290 C CB  . GLN A 1 46 ? -6.333  -11.575 -13.399 1.00 36.82 ? 46 GLN A CB  1 
ATOM   291 C CG  . GLN A 1 46 ? -4.948  -11.784 -12.835 1.00 41.84 ? 46 GLN A CG  1 
ATOM   292 C CD  . GLN A 1 46 ? -4.902  -12.410 -11.423 1.00 44.04 ? 46 GLN A CD  1 
ATOM   293 O OE1 . GLN A 1 46 ? -5.886  -12.983 -10.928 1.00 54.99 ? 46 GLN A OE1 1 
ATOM   294 N NE2 . GLN A 1 46 ? -3.724  -12.336 -10.791 1.00 52.55 ? 46 GLN A NE2 1 
ATOM   295 N N   . ARG A 1 47 ? -8.627  -9.782  -14.660 1.00 34.07 ? 47 ARG A N   1 
ATOM   296 C CA  . ARG A 1 47 ? -9.955  -9.638  -15.246 1.00 36.09 ? 47 ARG A CA  1 
ATOM   297 C C   . ARG A 1 47 ? -9.902  -8.984  -16.631 1.00 34.30 ? 47 ARG A C   1 
ATOM   298 O O   . ARG A 1 47 ? -10.664 -9.363  -17.558 1.00 33.03 ? 47 ARG A O   1 
ATOM   299 C CB  . ARG A 1 47 ? -10.933 -8.908  -14.317 1.00 35.32 ? 47 ARG A CB  1 
ATOM   300 C CG  . ARG A 1 47 ? -11.231 -9.718  -12.996 1.00 40.27 ? 47 ARG A CG  1 
ATOM   301 C CD  . ARG A 1 47 ? -12.443 -9.181  -12.192 1.00 41.33 ? 47 ARG A CD  1 
ATOM   302 N NE  . ARG A 1 47 ? -12.482 -7.731  -12.269 1.00 48.92 ? 47 ARG A NE  1 
ATOM   303 C CZ  . ARG A 1 47 ? -11.848 -6.899  -11.451 1.00 50.30 ? 47 ARG A CZ  1 
ATOM   304 N NH1 . ARG A 1 47 ? -11.108 -7.361  -10.435 1.00 48.22 ? 47 ARG A NH1 1 
ATOM   305 N NH2 . ARG A 1 47 ? -11.949 -5.584  -11.678 1.00 51.10 ? 47 ARG A NH2 1 
ATOM   306 N N   . PHE A 1 48 ? -9.036  -7.997  -16.768 1.00 33.18 ? 48 PHE A N   1 
ATOM   307 C CA  . PHE A 1 48 ? -8.846  -7.373  -18.078 1.00 33.22 ? 48 PHE A CA  1 
ATOM   308 C C   . PHE A 1 48 ? -8.346  -8.395  -19.093 1.00 33.90 ? 48 PHE A C   1 
ATOM   309 O O   . PHE A 1 48 ? -8.864  -8.490  -20.199 1.00 33.46 ? 48 PHE A O   1 
ATOM   310 C CB  . PHE A 1 48 ? -7.905  -6.151  -18.018 1.00 32.57 ? 48 PHE A CB  1 
ATOM   311 C CG  . PHE A 1 48 ? -7.720  -5.547  -19.355 1.00 30.75 ? 48 PHE A CG  1 
ATOM   312 C CD1 . PHE A 1 48 ? -8.719  -4.731  -19.917 1.00 31.20 ? 48 PHE A CD1 1 
ATOM   313 C CD2 . PHE A 1 48 ? -6.615  -5.886  -20.147 1.00 30.71 ? 48 PHE A CD2 1 
ATOM   314 C CE1 . PHE A 1 48 ? -8.600  -4.225  -21.182 1.00 34.13 ? 48 PHE A CE1 1 
ATOM   315 C CE2 . PHE A 1 48 ? -6.508  -5.385  -21.453 1.00 31.35 ? 48 PHE A CE2 1 
ATOM   316 C CZ  . PHE A 1 48 ? -7.496  -4.583  -21.994 1.00 32.97 ? 48 PHE A CZ  1 
ATOM   317 N N   . ASP A 1 49 ? -7.333  -9.165  -18.716 1.00 35.30 ? 49 ASP A N   1 
ATOM   318 C CA  . ASP A 1 49 ? -6.755  -10.137 -19.646 1.00 37.63 ? 49 ASP A CA  1 
ATOM   319 C C   . ASP A 1 49 ? -7.785  -11.195 -20.076 1.00 37.98 ? 49 ASP A C   1 
ATOM   320 O O   . ASP A 1 49 ? -7.759  -11.680 -21.230 1.00 37.83 ? 49 ASP A O   1 
ATOM   321 C CB  . ASP A 1 49 ? -5.473  -10.758 -19.033 1.00 38.39 ? 49 ASP A CB  1 
ATOM   322 C CG  . ASP A 1 49 ? -4.250  -9.842  -19.169 1.00 42.17 ? 49 ASP A CG  1 
ATOM   323 O OD1 . ASP A 1 49 ? -4.214  -9.015  -20.109 1.00 46.40 ? 49 ASP A OD1 1 
ATOM   324 O OD2 . ASP A 1 49 ? -3.286  -9.957  -18.355 1.00 47.73 ? 49 ASP A OD2 1 
ATOM   325 N N   . ASN A 1 50 ? -8.706  -11.520 -19.173 1.00 38.29 ? 50 ASN A N   1 
ATOM   326 C CA  . ASN A 1 50 ? -9.803  -12.455 -19.452 1.00 40.09 ? 50 ASN A CA  1 
ATOM   327 C C   . ASN A 1 50 ? -10.813 -11.877 -20.424 1.00 39.55 ? 50 ASN A C   1 
ATOM   328 O O   . ASN A 1 50 ? -11.246 -12.560 -21.384 1.00 39.34 ? 50 ASN A O   1 
ATOM   329 C CB  . ASN A 1 50 ? -10.484 -12.899 -18.145 1.00 41.13 ? 50 ASN A CB  1 
ATOM   330 C CG  . ASN A 1 50 ? -9.600  -13.830 -17.307 1.00 44.52 ? 50 ASN A CG  1 
ATOM   331 O OD1 . ASN A 1 50 ? -9.858  -14.054 -16.113 1.00 49.74 ? 50 ASN A OD1 1 
ATOM   332 N ND2 . ASN A 1 50 ? -8.561  -14.393 -17.933 1.00 50.33 ? 50 ASN A ND2 1 
ATOM   333 N N   . PHE A 1 51 ? -11.170 -10.620 -20.194 1.00 39.26 ? 51 PHE A N   1 
ATOM   334 C CA  . PHE A 1 51 ? -12.081 -9.888  -21.057 1.00 39.02 ? 51 PHE A CA  1 
ATOM   335 C C   . PHE A 1 51 ? -11.507 -9.695  -22.468 1.00 39.07 ? 51 PHE A C   1 
ATOM   336 O O   . PHE A 1 51 ? -12.216 -9.938  -23.479 1.00 37.47 ? 51 PHE A O   1 
ATOM   337 C CB  . PHE A 1 51 ? -12.397 -8.549  -20.383 1.00 39.33 ? 51 PHE A CB  1 
ATOM   338 C CG  . PHE A 1 51 ? -13.100 -7.593  -21.256 1.00 41.11 ? 51 PHE A CG  1 
ATOM   339 C CD1 . PHE A 1 51 ? -14.480 -7.703  -21.464 1.00 41.58 ? 51 PHE A CD1 1 
ATOM   340 C CD2 . PHE A 1 51 ? -12.396 -6.566  -21.870 1.00 41.42 ? 51 PHE A CD2 1 
ATOM   341 C CE1 . PHE A 1 51 ? -15.143 -6.806  -22.284 1.00 44.17 ? 51 PHE A CE1 1 
ATOM   342 C CE2 . PHE A 1 51 ? -13.053 -5.671  -22.700 1.00 45.15 ? 51 PHE A CE2 1 
ATOM   343 C CZ  . PHE A 1 51 ? -14.429 -5.791  -22.905 1.00 43.58 ? 51 PHE A CZ  1 
ATOM   344 N N   . ALA A 1 52 ? -10.236 -9.288  -22.540 1.00 37.87 ? 52 ALA A N   1 
ATOM   345 C CA  . ALA A 1 52 ? -9.574  -9.007  -23.819 1.00 39.08 ? 52 ALA A CA  1 
ATOM   346 C C   . ALA A 1 52 ? -9.299  -10.253 -24.657 1.00 40.94 ? 52 ALA A C   1 
ATOM   347 O O   . ALA A 1 52 ? -9.299  -10.192 -25.891 1.00 40.27 ? 52 ALA A O   1 
ATOM   348 C CB  . ALA A 1 52 ? -8.287  -8.227  -23.598 1.00 39.15 ? 52 ALA A CB  1 
ATOM   349 N N   . THR A 1 53 ? -9.050  -11.375 -23.994 1.00 42.47 ? 53 THR A N   1 
ATOM   350 C CA  . THR A 1 53 ? -8.876  -12.638 -24.717 1.00 45.12 ? 53 THR A CA  1 
ATOM   351 C C   . THR A 1 53 ? -10.200 -13.058 -25.344 1.00 46.19 ? 53 THR A C   1 
ATOM   352 O O   . THR A 1 53 ? -10.218 -13.665 -26.413 1.00 46.30 ? 53 THR A O   1 
ATOM   353 C CB  . THR A 1 53 ? -8.288  -13.752 -23.824 1.00 45.13 ? 53 THR A CB  1 
ATOM   354 O OG1 . THR A 1 53 ? -8.928  -13.744 -22.546 1.00 47.08 ? 53 THR A OG1 1 
ATOM   355 C CG2 . THR A 1 53 ? -6.806  -13.515 -23.598 1.00 46.23 ? 53 THR A CG2 1 
ATOM   356 N N   . LYS A 1 54 ? -11.303 -12.703 -24.685 1.00 47.81 ? 54 LYS A N   1 
ATOM   357 C CA  . LYS A 1 54 ? -12.649 -12.974 -25.186 1.00 49.75 ? 54 LYS A CA  1 
ATOM   358 C C   . LYS A 1 54 ? -13.293 -11.715 -25.788 1.00 49.99 ? 54 LYS A C   1 
ATOM   359 O O   . LYS A 1 54 ? -12.879 -11.213 -26.845 1.00 50.24 ? 54 LYS A O   1 
ATOM   360 C CB  . LYS A 1 54 ? -13.527 -13.552 -24.061 1.00 49.93 ? 54 LYS A CB  1 
ATOM   361 C CG  . LYS A 1 54 ? -14.132 -12.511 -23.124 1.00 51.37 ? 54 LYS A CG  1 
ATOM   362 C CD  . LYS A 1 54 ? -14.684 -13.127 -21.834 1.00 51.09 ? 54 LYS A CD  1 
ATOM   363 C CE  . LYS A 1 54 ? -15.752 -12.213 -21.225 1.00 53.58 ? 54 LYS A CE  1 
ATOM   364 N NZ  . LYS A 1 54 ? -16.865 -11.958 -22.208 1.00 55.42 ? 54 LYS A NZ  1 
HETATM 365 O O   . HOH B 2 .  ? -7.037  -6.694  -1.837  0.50 29.29 ? 57 HOH A O   1 
HETATM 366 O O   . HOH B 2 .  ? -9.655  -5.524  -8.269  1.00 27.69 ? 58 HOH A O   1 
HETATM 367 O O   . HOH B 2 .  ? -7.835  -2.153  -1.032  1.00 38.92 ? 59 HOH A O   1 
HETATM 368 O O   . HOH B 2 .  ? -2.502  -4.271  3.432   1.00 33.10 ? 60 HOH A O   1 
HETATM 369 O O   . HOH B 2 .  ? -2.479  -9.956  -12.606 1.00 35.77 ? 61 HOH A O   1 
HETATM 370 O O   . HOH B 2 .  ? -2.235  -10.910 -0.794  1.00 34.03 ? 62 HOH A O   1 
HETATM 371 O O   . HOH B 2 .  ? -9.304  -0.615  -5.322  1.00 37.44 ? 63 HOH A O   1 
HETATM 372 O O   . HOH B 2 .  ? -9.227  -11.455 -11.147 1.00 33.26 ? 64 HOH A O   1 
HETATM 373 O O   . HOH B 2 .  ? 0.054   -5.306  4.445   1.00 52.37 ? 65 HOH A O   1 
HETATM 374 O O   . HOH B 2 .  ? -9.763  1.257   -2.865  1.00 43.77 ? 66 HOH A O   1 
HETATM 375 O O   . HOH B 2 .  ? 3.889   11.716  10.370  1.00 53.35 ? 67 HOH A O   1 
HETATM 376 O O   . HOH B 2 .  ? -0.663  -7.713  -12.579 1.00 43.76 ? 68 HOH A O   1 
HETATM 377 O O   . HOH B 2 .  ? -12.224 -12.696 -15.194 1.00 55.92 ? 69 HOH A O   1 
HETATM 378 O O   . HOH B 2 .  ? 0.493   -9.106  -2.503  1.00 47.54 ? 70 HOH A O   1 
HETATM 379 O O   . HOH B 2 .  ? -4.280  -8.598  -22.734 1.00 48.36 ? 71 HOH A O   1 
HETATM 380 O O   . HOH B 2 .  ? -5.146  -10.742 -23.362 1.00 52.04 ? 72 HOH A O   1 
HETATM 381 O O   . HOH B 2 .  ? 5.248   12.579  13.257  1.00 50.72 ? 73 HOH A O   1 
HETATM 382 O O   . HOH B 2 .  ? 4.230   -4.338  2.665   1.00 57.75 ? 74 HOH A O   1 
HETATM 383 O O   . HOH B 2 .  ? 3.766   -1.951  6.408   1.00 45.14 ? 75 HOH A O   1 
HETATM 384 O O   . HOH B 2 .  ? 2.396   -2.840  8.929   1.00 50.89 ? 76 HOH A O   1 
HETATM 385 O O   . HOH B 2 .  ? -1.736  5.633   3.837   1.00 45.67 ? 77 HOH A O   1 
HETATM 386 O O   . HOH B 2 .  ? 6.521   -1.977  6.529   1.00 63.04 ? 78 HOH A O   1 
HETATM 387 O O   . HOH B 2 .  ? -5.527  -13.391 -16.337 1.00 57.53 ? 79 HOH A O   1 
HETATM 388 O O   . HOH B 2 .  ? -0.074  11.186  12.769  1.00 62.96 ? 80 HOH A O   1 
HETATM 389 O O   . HOH B 2 .  ? -7.091  -0.687  1.156   1.00 57.00 ? 81 HOH A O   1 
# 
